data_5MFS
#
_entry.id   5MFS
#
_cell.length_a   120.827
_cell.length_b   120.827
_cell.length_c   170.628
_cell.angle_alpha   90.000
_cell.angle_beta   90.000
_cell.angle_gamma   120.000
#
_symmetry.space_group_name_H-M   'P 31 2 1'
#
loop_
_entity.id
_entity.type
_entity.pdbx_description
1 polymer 'Aminopeptidase N'
2 non-polymer 'ZINC ION'
3 non-polymer [(7~{S})-6,6-bis(oxidanyl)-4-phenyl-5,7,8,9-tetrahydrobenzo[7]annulen-7-yl]azanium
4 non-polymer 'SODIUM ION'
5 non-polymer 'MALONATE ION'
6 non-polymer 'DIMETHYL SULFOXIDE'
7 non-polymer 'CHLORIDE ION'
8 non-polymer GLYCEROL
9 water water
#
_entity_poly.entity_id   1
_entity_poly.type   'polypeptide(L)'
_entity_poly.pdbx_seq_one_letter_code
;MGSSHHHHHHSSGENLYFQGHMTQQPQAKYRHDYRAPDYQITDIDLTFDLDAQKTVVTAVSQAVRHGASDAPLRLNGEDL
KLVSVHINDEPWTAWKEEEGALVISNLPERFTLKIINEISPAANTALEGLYQSGDALCTQCEAEGFRHITYYLDRPDVLA
RFTTKIIADKIKYPFLLSNGNRVAQGELENGRHWVQWQDPFPKPCYLFALVAGDFDVLRDTFTTRSGREVALELYVDRGN
LDRAPWAMTSLKNSMKWDEERFGLEYDLDIYMIVAVDFFNMGAMENKGLNIFNSKYVLARTDTATDKDYLDIERVIGHEY
FHNWTGNRVTCRDWFQLSLKEGLTVFRDQEFSSDLGSRAVNRINNVRTMRGLQFAEDASPMAHPIRPDMVIEMNNFYTLT
VYEKGAEVIRMIHTLLGEENFQKGMQLYFERHDGSAATCDDFVQAMEDASNVDLSHFRRWYSQSGTPIVTVKDDYNPETE
QYTLTISQRTPATPDQAEKQPLHIPFAIELYDNEGKVIPLQKGGHPVNSVLNVTQAEQTFVFDNVYFQPVPALLCEFSAP
VKLEYKWSDQQLTFLMRHARNDFSRWDAAQSLLATYIKLNVARHQQGQPLSLPVHVADAFRAVLLDEKIDPALAAEILTL
PSVNEMAELFDIIDPIAIAEVREALTRTLATELADELLAIYNANYQSEYRVEHEDIAKRTLRNACLRFLAFGETHLADVL
VSKQFHEANNMTDALAALSAAVAAQLPCRDALMQEYDDKWHQNGLVMDKWFILQATSPAANVLETVRGLLQHRSFTMSNP
NRIRSLIGAFAGSNPAAFHAEDGSGYLFLVEMLTDLNSRNPQVASRLIEPLIRLKRYDAKRQEKMRAALEQLKGLENLSG
DLYEKITKALA
;
_entity_poly.pdbx_strand_id   A
#
loop_
_chem_comp.id
_chem_comp.type
_chem_comp.name
_chem_comp.formula
7ML non-polymer [(7~{S})-6,6-bis(oxidanyl)-4-phenyl-5,7,8,9-tetrahydrobenzo[7]annulen-7-yl]azanium 'C17 H20 N O2 1'
CL non-polymer 'CHLORIDE ION' 'Cl -1'
DMS non-polymer 'DIMETHYL SULFOXIDE' 'C2 H6 O S'
GOL non-polymer GLYCEROL 'C3 H8 O3'
MLI non-polymer 'MALONATE ION' 'C3 H2 O4 -2'
NA non-polymer 'SODIUM ION' 'Na 1'
ZN non-polymer 'ZINC ION' 'Zn 2'
#
# COMPACT_ATOMS: atom_id res chain seq x y z
N GLN A 24 10.11 -1.53 30.46
N GLN A 24 11.51 0.42 30.75
CA GLN A 24 10.62 -0.27 29.93
CA GLN A 24 11.45 0.33 29.30
C GLN A 24 10.09 -0.06 28.51
C GLN A 24 10.10 -0.25 28.80
N GLN A 25 9.67 -1.14 27.86
N GLN A 25 10.07 -1.57 28.56
CA GLN A 25 8.96 -1.03 26.61
CA GLN A 25 8.94 -2.38 28.07
C GLN A 25 7.53 -0.59 26.87
C GLN A 25 7.69 -1.58 27.69
N PRO A 26 6.88 0.06 25.88
N PRO A 26 7.50 -1.24 26.42
CA PRO A 26 5.54 0.59 26.12
CA PRO A 26 6.30 -0.48 26.05
C PRO A 26 4.56 -0.55 26.25
C PRO A 26 5.04 -1.31 26.18
N GLN A 27 3.49 -0.29 27.00
N GLN A 27 3.95 -0.65 26.60
CA GLN A 27 2.44 -1.27 27.11
CA GLN A 27 2.69 -1.31 26.90
C GLN A 27 1.53 -1.17 25.89
C GLN A 27 1.77 -1.24 25.69
N ALA A 28 0.98 -2.30 25.50
CA ALA A 28 -0.07 -2.29 24.49
C ALA A 28 -1.24 -1.42 24.92
N LYS A 29 -1.86 -0.80 23.92
CA LYS A 29 -3.09 -0.06 24.03
C LYS A 29 -4.18 -0.84 23.33
N TYR A 30 -5.39 -0.71 23.84
CA TYR A 30 -6.52 -1.51 23.40
C TYR A 30 -7.68 -0.64 22.94
N ARG A 31 -8.30 -1.07 21.83
CA ARG A 31 -9.43 -0.36 21.25
C ARG A 31 -10.57 -0.21 22.25
N HIS A 32 -10.81 -1.24 23.06
CA HIS A 32 -11.92 -1.21 24.00
C HIS A 32 -11.71 -0.21 25.14
N ASP A 33 -10.51 0.34 25.29
CA ASP A 33 -10.25 1.35 26.31
C ASP A 33 -10.49 2.80 25.85
N TYR A 34 -11.01 3.00 24.64
CA TYR A 34 -11.28 4.34 24.15
C TYR A 34 -12.15 5.11 25.15
N ARG A 35 -11.73 6.33 25.46
CA ARG A 35 -12.45 7.26 26.30
CA ARG A 35 -12.50 7.25 26.26
C ARG A 35 -12.31 8.66 25.72
N ALA A 36 -13.41 9.39 25.67
CA ALA A 36 -13.37 10.77 25.23
C ALA A 36 -12.34 11.57 26.04
N PRO A 37 -11.72 12.58 25.43
CA PRO A 37 -10.68 13.34 26.12
C PRO A 37 -11.23 14.20 27.26
N ASP A 38 -10.46 14.28 28.33
CA ASP A 38 -10.82 15.15 29.45
C ASP A 38 -10.76 16.61 29.07
N TYR A 39 -9.93 16.96 28.10
CA TYR A 39 -9.75 18.32 27.63
C TYR A 39 -9.75 18.32 26.11
N GLN A 40 -10.36 19.36 25.54
CA GLN A 40 -10.23 19.66 24.13
C GLN A 40 -9.38 20.91 23.96
N ILE A 41 -8.77 21.03 22.78
CA ILE A 41 -8.13 22.25 22.34
C ILE A 41 -8.84 22.67 21.08
N THR A 42 -9.39 23.89 21.07
CA THR A 42 -10.20 24.36 19.96
C THR A 42 -9.41 25.18 18.94
N ASP A 43 -8.29 25.77 19.36
CA ASP A 43 -7.53 26.73 18.58
C ASP A 43 -6.10 26.68 19.09
N ILE A 44 -5.15 26.66 18.16
CA ILE A 44 -3.74 26.69 18.53
C ILE A 44 -3.02 27.65 17.61
N ASP A 45 -2.20 28.52 18.20
N ASP A 45 -2.25 28.55 18.20
CA ASP A 45 -1.38 29.52 17.52
CA ASP A 45 -1.39 29.47 17.48
C ASP A 45 0.07 29.13 17.72
C ASP A 45 0.05 29.06 17.73
N LEU A 46 0.73 28.69 16.67
CA LEU A 46 2.10 28.22 16.73
C LEU A 46 3.03 29.27 16.15
N THR A 47 4.20 29.40 16.76
CA THR A 47 5.29 30.18 16.23
C THR A 47 6.52 29.29 16.24
N PHE A 48 7.18 29.20 15.09
CA PHE A 48 8.44 28.49 14.95
C PHE A 48 9.53 29.50 14.67
N ASP A 49 10.51 29.58 15.54
CA ASP A 49 11.77 30.30 15.24
C ASP A 49 12.72 29.21 14.75
N LEU A 50 12.83 29.09 13.43
CA LEU A 50 13.39 27.91 12.81
C LEU A 50 14.90 27.96 12.74
N ASP A 51 15.50 26.80 13.01
CA ASP A 51 16.89 26.54 12.75
C ASP A 51 17.13 25.05 12.74
N ALA A 52 18.08 24.64 11.92
CA ALA A 52 18.37 23.22 11.81
C ALA A 52 18.91 22.67 13.13
N GLN A 53 19.85 23.38 13.78
CA GLN A 53 20.40 22.91 15.06
C GLN A 53 19.42 23.12 16.21
N LYS A 54 18.73 24.25 16.21
CA LYS A 54 17.80 24.59 17.28
CA LYS A 54 17.81 24.61 17.28
C LYS A 54 16.60 25.33 16.70
N THR A 55 15.42 24.78 16.94
CA THR A 55 14.18 25.43 16.62
C THR A 55 13.45 25.71 17.93
N VAL A 56 12.91 26.91 18.08
CA VAL A 56 12.13 27.28 19.25
C VAL A 56 10.67 27.32 18.85
N VAL A 57 9.84 26.59 19.58
CA VAL A 57 8.41 26.49 19.30
C VAL A 57 7.66 27.19 20.42
N THR A 58 6.76 28.09 20.05
CA THR A 58 5.82 28.71 20.99
C THR A 58 4.42 28.27 20.56
N ALA A 59 3.68 27.67 21.47
CA ALA A 59 2.36 27.12 21.17
C ALA A 59 1.37 27.69 22.16
N VAL A 60 0.38 28.43 21.66
CA VAL A 60 -0.67 29.05 22.47
C VAL A 60 -1.98 28.37 22.10
N SER A 61 -2.51 27.59 23.03
CA SER A 61 -3.67 26.76 22.82
C SER A 61 -4.84 27.23 23.68
N GLN A 62 -6.01 27.26 23.09
CA GLN A 62 -7.25 27.56 23.80
C GLN A 62 -7.89 26.23 24.16
N ALA A 63 -7.99 25.97 25.46
CA ALA A 63 -8.41 24.68 25.96
C ALA A 63 -9.73 24.77 26.71
N VAL A 64 -10.46 23.67 26.68
CA VAL A 64 -11.75 23.53 27.33
C VAL A 64 -11.77 22.20 28.06
N ARG A 65 -12.14 22.23 29.33
CA ARG A 65 -12.28 20.99 30.07
C ARG A 65 -13.67 20.40 29.83
N HIS A 66 -13.68 19.12 29.51
CA HIS A 66 -14.88 18.32 29.35
CA HIS A 66 -14.92 18.37 29.41
C HIS A 66 -15.05 17.29 30.47
N GLY A 67 -13.94 16.86 31.06
CA GLY A 67 -13.97 15.84 32.09
C GLY A 67 -14.13 16.43 33.47
N ALA A 68 -13.80 15.61 34.47
CA ALA A 68 -13.98 15.99 35.86
C ALA A 68 -13.11 17.17 36.22
N SER A 69 -13.64 18.01 37.12
CA SER A 69 -12.94 19.24 37.49
CA SER A 69 -12.93 19.24 37.46
C SER A 69 -11.58 18.96 38.09
N ASP A 70 -11.34 17.76 38.61
CA ASP A 70 -10.05 17.45 39.22
C ASP A 70 -9.15 16.63 38.31
N ALA A 71 -9.50 16.49 37.04
CA ALA A 71 -8.67 15.74 36.11
C ALA A 71 -7.55 16.61 35.57
N PRO A 72 -6.32 16.14 35.56
CA PRO A 72 -5.21 16.92 35.01
C PRO A 72 -5.22 16.85 33.50
N LEU A 73 -4.61 17.85 32.90
CA LEU A 73 -4.34 17.89 31.46
C LEU A 73 -3.06 17.11 31.21
N ARG A 74 -3.14 16.05 30.39
CA ARG A 74 -2.00 15.18 30.12
CA ARG A 74 -2.01 15.19 30.11
C ARG A 74 -1.61 15.42 28.67
N LEU A 75 -0.49 16.11 28.47
CA LEU A 75 0.00 16.41 27.14
C LEU A 75 1.06 15.40 26.74
N ASN A 76 1.04 14.96 25.50
CA ASN A 76 2.07 14.08 24.98
C ASN A 76 3.26 14.91 24.52
N GLY A 77 4.47 14.39 24.75
CA GLY A 77 5.66 15.03 24.21
C GLY A 77 6.82 14.07 24.23
N GLU A 78 7.63 14.14 23.17
CA GLU A 78 8.80 13.30 23.02
C GLU A 78 10.00 14.15 22.62
N ASP A 79 11.11 14.01 23.35
CA ASP A 79 12.39 14.66 23.01
CA ASP A 79 12.39 14.66 23.02
C ASP A 79 12.22 16.17 22.82
N LEU A 80 11.56 16.80 23.78
CA LEU A 80 11.34 18.25 23.83
C LEU A 80 12.16 18.82 24.98
N LYS A 81 12.70 20.01 24.78
CA LYS A 81 13.33 20.77 25.86
C LYS A 81 12.34 21.85 26.29
N LEU A 82 11.71 21.63 27.45
CA LEU A 82 10.69 22.57 27.94
C LEU A 82 11.36 23.84 28.44
N VAL A 83 10.87 24.98 27.97
CA VAL A 83 11.36 26.27 28.42
C VAL A 83 10.38 26.92 29.40
N SER A 84 9.08 26.89 29.08
CA SER A 84 8.14 27.49 30.01
C SER A 84 6.73 27.00 29.77
N VAL A 85 5.93 27.10 30.85
N VAL A 85 5.91 27.11 30.83
CA VAL A 85 4.52 26.72 30.90
CA VAL A 85 4.50 26.73 30.78
C VAL A 85 3.75 27.88 31.53
C VAL A 85 3.71 27.81 31.51
N HIS A 86 2.79 28.46 30.80
CA HIS A 86 1.92 29.48 31.35
CA HIS A 86 1.93 29.48 31.33
C HIS A 86 0.47 29.07 31.14
N ILE A 87 -0.36 29.46 32.09
CA ILE A 87 -1.82 29.27 32.02
C ILE A 87 -2.40 30.67 32.21
N ASN A 88 -3.09 31.16 31.18
CA ASN A 88 -3.60 32.54 31.18
C ASN A 88 -2.49 33.53 31.54
N ASP A 89 -1.31 33.31 30.96
CA ASP A 89 -0.11 34.15 31.09
C ASP A 89 0.50 34.11 32.49
N GLU A 90 0.04 33.22 33.34
CA GLU A 90 0.63 33.01 34.65
C GLU A 90 1.64 31.87 34.59
N PRO A 91 2.90 32.10 34.92
CA PRO A 91 3.83 30.97 35.00
C PRO A 91 3.29 29.92 35.95
N TRP A 92 3.20 28.68 35.47
CA TRP A 92 2.49 27.64 36.21
C TRP A 92 3.44 26.83 37.07
N THR A 93 3.01 26.53 38.30
CA THR A 93 3.81 25.68 39.17
C THR A 93 3.26 24.27 39.32
N ALA A 94 1.98 24.04 38.99
CA ALA A 94 1.33 22.76 39.22
C ALA A 94 1.44 21.88 37.98
N TRP A 95 2.67 21.42 37.71
CA TRP A 95 2.93 20.56 36.57
C TRP A 95 4.11 19.65 36.87
N LYS A 96 4.17 18.54 36.16
CA LYS A 96 5.33 17.66 36.21
CA LYS A 96 5.32 17.66 36.20
C LYS A 96 5.53 17.02 34.83
N GLU A 97 6.78 16.81 34.48
CA GLU A 97 7.11 16.01 33.31
C GLU A 97 7.30 14.56 33.75
N GLU A 98 6.75 13.65 32.97
CA GLU A 98 6.93 12.23 33.16
CA GLU A 98 6.95 12.23 33.16
C GLU A 98 7.29 11.63 31.81
N GLU A 99 7.58 10.33 31.78
CA GLU A 99 7.94 9.71 30.51
CA GLU A 99 7.93 9.68 30.52
C GLU A 99 6.88 10.00 29.46
N GLY A 100 7.30 10.64 28.38
CA GLY A 100 6.39 10.91 27.27
C GLY A 100 5.32 11.95 27.51
N ALA A 101 5.35 12.70 28.61
CA ALA A 101 4.22 13.53 28.96
C ALA A 101 4.58 14.75 29.79
N LEU A 102 3.67 15.73 29.73
CA LEU A 102 3.64 16.88 30.62
C LEU A 102 2.24 16.88 31.23
N VAL A 103 2.17 16.82 32.55
CA VAL A 103 0.93 16.64 33.29
C VAL A 103 0.70 17.92 34.08
N ILE A 104 -0.38 18.61 33.76
CA ILE A 104 -0.68 19.93 34.29
C ILE A 104 -1.95 19.85 35.14
N SER A 105 -1.84 20.24 36.39
CA SER A 105 -2.90 20.11 37.35
C SER A 105 -3.58 21.43 37.69
N ASN A 106 -4.79 21.30 38.28
CA ASN A 106 -5.48 22.40 38.97
C ASN A 106 -5.89 23.52 38.00
N LEU A 107 -6.50 23.12 36.90
CA LEU A 107 -6.80 24.04 35.83
C LEU A 107 -8.24 24.53 35.89
N PRO A 108 -8.52 25.72 35.40
CA PRO A 108 -9.93 26.11 35.26
C PRO A 108 -10.59 25.38 34.09
N GLU A 109 -11.87 25.63 33.92
CA GLU A 109 -12.66 24.97 32.88
C GLU A 109 -12.27 25.44 31.49
N ARG A 110 -11.91 26.70 31.34
CA ARG A 110 -11.45 27.23 30.05
C ARG A 110 -10.22 28.08 30.30
N PHE A 111 -9.20 27.96 29.45
CA PHE A 111 -7.95 28.66 29.70
C PHE A 111 -7.11 28.66 28.45
N THR A 112 -6.12 29.55 28.46
CA THR A 112 -5.09 29.66 27.43
C THR A 112 -3.82 29.01 27.98
N LEU A 113 -3.35 28.01 27.28
CA LEU A 113 -2.09 27.33 27.58
C LEU A 113 -1.00 27.87 26.68
N LYS A 114 0.12 28.26 27.24
CA LYS A 114 1.28 28.65 26.43
CA LYS A 114 1.28 28.66 26.45
C LYS A 114 2.48 27.79 26.83
N ILE A 115 3.01 27.08 25.86
CA ILE A 115 4.20 26.24 26.00
CA ILE A 115 4.22 26.30 26.05
C ILE A 115 5.28 26.82 25.09
N ILE A 116 6.49 26.96 25.62
CA ILE A 116 7.67 27.22 24.81
C ILE A 116 8.59 26.05 25.02
N ASN A 117 9.09 25.48 23.92
CA ASN A 117 10.03 24.38 23.99
C ASN A 117 10.96 24.44 22.80
N GLU A 118 12.06 23.68 22.90
CA GLU A 118 13.07 23.63 21.85
C GLU A 118 13.17 22.21 21.32
N ILE A 119 13.51 22.11 20.03
CA ILE A 119 13.74 20.85 19.35
C ILE A 119 14.94 21.05 18.42
N SER A 120 15.45 19.93 17.87
CA SER A 120 16.67 19.96 17.05
C SER A 120 16.46 19.17 15.76
N PRO A 121 16.01 19.83 14.70
CA PRO A 121 15.75 19.09 13.46
C PRO A 121 16.94 18.32 12.93
N ALA A 122 18.15 18.91 13.02
CA ALA A 122 19.33 18.25 12.48
C ALA A 122 19.64 16.93 13.18
N ALA A 123 19.21 16.75 14.42
CA ALA A 123 19.44 15.50 15.14
C ALA A 123 18.37 14.45 14.88
N ASN A 124 17.35 14.77 14.08
CA ASN A 124 16.20 13.89 13.89
C ASN A 124 16.44 12.95 12.71
N THR A 125 17.08 11.81 12.99
CA THR A 125 17.32 10.82 11.94
C THR A 125 16.14 9.89 11.73
N ALA A 126 15.19 9.87 12.67
CA ALA A 126 14.02 9.00 12.54
C ALA A 126 13.00 9.54 11.57
N LEU A 127 13.12 10.81 11.21
CA LEU A 127 12.25 11.46 10.20
C LEU A 127 10.79 11.45 10.66
N GLU A 128 10.61 11.77 11.93
CA GLU A 128 9.33 11.82 12.64
C GLU A 128 9.31 13.11 13.43
N GLY A 129 8.36 13.98 13.13
CA GLY A 129 8.36 15.33 13.68
C GLY A 129 8.94 16.31 12.66
N LEU A 130 9.73 17.27 13.13
CA LEU A 130 10.40 18.26 12.29
C LEU A 130 11.84 17.80 12.06
N TYR A 131 12.22 17.70 10.80
CA TYR A 131 13.52 17.15 10.47
C TYR A 131 14.05 17.81 9.21
N GLN A 132 15.27 17.43 8.84
CA GLN A 132 15.93 17.96 7.67
CA GLN A 132 15.94 17.95 7.66
C GLN A 132 15.86 16.97 6.51
N SER A 133 15.54 17.48 5.33
CA SER A 133 15.60 16.71 4.09
C SER A 133 16.51 17.48 3.16
N GLY A 134 17.76 17.04 3.06
CA GLY A 134 18.77 17.86 2.38
C GLY A 134 18.93 19.17 3.12
N ASP A 135 18.75 20.26 2.43
CA ASP A 135 18.82 21.57 3.09
C ASP A 135 17.47 22.09 3.53
N ALA A 136 16.39 21.40 3.20
CA ALA A 136 15.05 21.83 3.59
C ALA A 136 14.72 21.31 4.98
N LEU A 137 13.78 22.00 5.65
CA LEU A 137 13.14 21.49 6.85
C LEU A 137 11.72 21.09 6.49
N CYS A 138 11.27 19.96 7.01
CA CYS A 138 9.91 19.50 6.73
C CYS A 138 9.44 18.61 7.88
N THR A 139 8.16 18.28 7.85
CA THR A 139 7.53 17.53 8.92
C THR A 139 6.92 16.23 8.42
N GLN A 140 6.80 15.29 9.36
CA GLN A 140 5.89 14.16 9.25
C GLN A 140 5.28 13.96 10.62
N CYS A 141 3.96 14.10 10.70
CA CYS A 141 3.26 14.01 11.97
C CYS A 141 2.36 12.79 12.11
N GLU A 142 2.00 12.08 11.05
CA GLU A 142 1.22 10.86 11.25
C GLU A 142 2.15 9.68 11.53
N ALA A 143 1.84 8.84 12.53
CA ALA A 143 0.66 8.91 13.42
C ALA A 143 0.81 9.87 14.60
N GLU A 144 1.99 9.87 15.24
CA GLU A 144 2.17 10.53 16.55
C GLU A 144 3.47 11.36 16.52
N GLY A 145 3.68 12.09 15.43
CA GLY A 145 4.86 12.91 15.29
C GLY A 145 4.73 14.32 15.81
N PHE A 146 3.51 14.86 15.93
CA PHE A 146 3.41 16.24 16.39
C PHE A 146 3.93 16.38 17.82
N ARG A 147 3.81 15.34 18.63
CA ARG A 147 4.33 15.42 19.99
C ARG A 147 5.84 15.50 20.03
N HIS A 148 6.52 15.27 18.89
CA HIS A 148 7.95 15.54 18.78
C HIS A 148 8.25 17.00 18.46
N ILE A 149 7.22 17.81 18.29
CA ILE A 149 7.37 19.23 18.01
C ILE A 149 7.00 20.09 19.20
N THR A 150 5.88 19.78 19.87
CA THR A 150 5.51 20.46 21.11
C THR A 150 4.65 19.52 21.97
N TYR A 151 4.43 19.92 23.22
CA TYR A 151 3.55 19.18 24.10
C TYR A 151 2.10 19.40 23.71
N TYR A 152 1.36 18.33 23.41
CA TYR A 152 0.04 18.52 22.81
C TYR A 152 -0.85 17.32 23.08
N LEU A 153 -2.14 17.48 22.79
CA LEU A 153 -3.11 16.37 22.80
C LEU A 153 -3.01 15.68 21.44
N ASP A 154 -2.02 14.80 21.34
CA ASP A 154 -1.63 14.19 20.06
C ASP A 154 -2.45 12.91 19.87
N ARG A 155 -3.75 13.12 19.61
CA ARG A 155 -4.78 12.11 19.46
C ARG A 155 -5.80 12.68 18.47
N PRO A 156 -6.31 11.87 17.55
CA PRO A 156 -6.98 12.43 16.36
C PRO A 156 -8.41 12.86 16.59
N ASP A 157 -8.96 12.65 17.79
CA ASP A 157 -10.27 13.18 18.13
C ASP A 157 -10.19 14.57 18.77
N VAL A 158 -9.00 15.16 18.86
CA VAL A 158 -8.85 16.56 19.28
C VAL A 158 -8.64 17.36 17.99
N LEU A 159 -9.61 18.21 17.67
CA LEU A 159 -9.66 18.95 16.42
CA LEU A 159 -9.68 18.96 16.42
C LEU A 159 -9.56 20.45 16.72
N ALA A 160 -8.51 21.07 16.21
CA ALA A 160 -8.23 22.46 16.53
C ALA A 160 -7.99 23.25 15.26
N ARG A 161 -8.29 24.55 15.34
CA ARG A 161 -7.99 25.50 14.27
C ARG A 161 -6.58 26.03 14.47
N PHE A 162 -5.72 25.78 13.49
CA PHE A 162 -4.30 26.13 13.56
C PHE A 162 -4.01 27.44 12.84
N THR A 163 -3.19 28.26 13.48
CA THR A 163 -2.50 29.37 12.86
CA THR A 163 -2.48 29.32 12.80
C THR A 163 -1.01 29.16 13.10
N THR A 164 -0.19 29.29 12.05
CA THR A 164 1.22 28.95 12.13
C THR A 164 2.07 30.08 11.61
N LYS A 165 2.87 30.66 12.50
N LYS A 165 2.93 30.62 12.47
CA LYS A 165 3.87 31.65 12.10
CA LYS A 165 3.87 31.68 12.12
C LYS A 165 5.21 30.95 12.03
C LYS A 165 5.27 31.10 12.11
N ILE A 166 5.97 31.26 10.98
CA ILE A 166 7.27 30.66 10.75
C ILE A 166 8.27 31.79 10.55
N ILE A 167 9.35 31.75 11.33
CA ILE A 167 10.41 32.77 11.27
C ILE A 167 11.70 32.04 10.90
N ALA A 168 12.44 32.57 9.92
CA ALA A 168 13.62 31.85 9.46
C ALA A 168 14.55 32.79 8.69
N ASP A 169 15.80 32.33 8.54
CA ASP A 169 16.74 33.01 7.64
C ASP A 169 16.19 33.04 6.22
N LYS A 170 16.17 34.24 5.63
CA LYS A 170 15.54 34.41 4.33
C LYS A 170 16.35 33.75 3.22
N ILE A 171 17.68 33.83 3.29
CA ILE A 171 18.51 33.27 2.21
C ILE A 171 18.42 31.74 2.23
N LYS A 172 18.50 31.15 3.41
CA LYS A 172 18.45 29.70 3.48
CA LYS A 172 18.45 29.69 3.54
C LYS A 172 17.05 29.14 3.28
N TYR A 173 16.02 29.88 3.72
CA TYR A 173 14.65 29.39 3.71
C TYR A 173 13.71 30.42 3.11
N PRO A 174 13.80 30.64 1.80
CA PRO A 174 12.96 31.67 1.18
C PRO A 174 11.49 31.33 1.13
N PHE A 175 11.15 30.05 1.15
CA PHE A 175 9.76 29.58 1.15
C PHE A 175 9.44 28.98 2.52
N LEU A 176 8.45 29.55 3.18
CA LEU A 176 7.97 29.13 4.50
C LEU A 176 6.49 28.78 4.36
N LEU A 177 6.19 27.48 4.42
CA LEU A 177 4.87 26.93 4.12
C LEU A 177 4.28 26.24 5.34
N SER A 178 2.99 26.44 5.54
CA SER A 178 2.22 25.58 6.43
C SER A 178 0.80 25.45 5.85
N ASN A 179 -0.08 24.77 6.58
CA ASN A 179 -1.42 24.49 6.06
C ASN A 179 -2.23 25.78 5.90
N GLY A 180 -3.04 25.83 4.85
CA GLY A 180 -4.02 26.86 4.71
C GLY A 180 -3.62 28.00 3.80
N ASN A 181 -3.94 29.21 4.25
CA ASN A 181 -3.74 30.44 3.51
C ASN A 181 -2.73 31.34 4.19
N ARG A 182 -2.00 32.14 3.40
CA ARG A 182 -1.10 33.14 3.96
C ARG A 182 -1.91 34.32 4.45
N VAL A 183 -1.80 34.65 5.73
CA VAL A 183 -2.56 35.77 6.30
C VAL A 183 -1.68 36.91 6.78
N ALA A 184 -0.36 36.73 6.90
CA ALA A 184 0.52 37.79 7.32
C ALA A 184 1.94 37.43 6.89
N GLN A 185 2.78 38.44 6.80
CA GLN A 185 4.19 38.23 6.43
C GLN A 185 4.96 39.48 6.83
N GLY A 186 6.25 39.29 7.10
CA GLY A 186 7.08 40.42 7.46
C GLY A 186 8.54 40.09 7.32
N GLU A 187 9.34 41.14 7.49
CA GLU A 187 10.78 41.00 7.49
C GLU A 187 11.33 41.54 8.79
N LEU A 188 12.45 40.98 9.21
CA LEU A 188 13.09 41.28 10.47
C LEU A 188 14.54 41.67 10.25
N GLU A 189 15.19 42.06 11.33
CA GLU A 189 16.62 42.33 11.30
CA GLU A 189 16.62 42.34 11.25
C GLU A 189 17.41 41.04 11.07
N ASN A 190 18.67 41.22 10.71
CA ASN A 190 19.64 40.15 10.63
C ASN A 190 19.21 39.10 9.63
N GLY A 191 18.54 39.54 8.57
CA GLY A 191 18.28 38.68 7.43
C GLY A 191 17.20 37.65 7.62
N ARG A 192 16.33 37.83 8.61
CA ARG A 192 15.25 36.90 8.86
CA ARG A 192 15.26 36.88 8.84
C ARG A 192 13.94 37.44 8.30
N HIS A 193 13.01 36.52 8.04
CA HIS A 193 11.68 36.91 7.60
C HIS A 193 10.69 35.92 8.18
N TRP A 194 9.41 36.21 7.97
CA TRP A 194 8.39 35.36 8.53
C TRP A 194 7.13 35.39 7.68
N VAL A 195 6.38 34.30 7.77
CA VAL A 195 5.09 34.13 7.12
C VAL A 195 4.16 33.48 8.12
N GLN A 196 2.90 33.93 8.15
CA GLN A 196 1.88 33.30 8.98
C GLN A 196 0.76 32.75 8.12
N TRP A 197 0.36 31.54 8.47
CA TRP A 197 -0.63 30.71 7.77
C TRP A 197 -1.83 30.48 8.69
N GLN A 198 -3.00 30.40 8.10
N GLN A 198 -3.02 30.51 8.11
CA GLN A 198 -4.22 30.12 8.84
CA GLN A 198 -4.24 30.12 8.80
C GLN A 198 -5.02 29.08 8.07
C GLN A 198 -4.90 29.00 8.03
N ASP A 199 -5.30 27.95 8.73
CA ASP A 199 -6.09 26.87 8.13
C ASP A 199 -7.43 26.88 8.85
N PRO A 200 -8.52 27.26 8.18
CA PRO A 200 -9.81 27.45 8.90
C PRO A 200 -10.48 26.17 9.33
N PHE A 201 -10.10 25.02 8.77
CA PHE A 201 -10.75 23.76 9.08
C PHE A 201 -10.12 23.14 10.33
N PRO A 202 -10.89 22.89 11.39
CA PRO A 202 -10.34 22.20 12.55
C PRO A 202 -9.74 20.89 12.12
N LYS A 203 -8.59 20.59 12.71
CA LYS A 203 -7.90 19.35 12.33
C LYS A 203 -7.24 18.70 13.53
N PRO A 204 -7.09 17.38 13.48
CA PRO A 204 -6.14 16.71 14.36
C PRO A 204 -4.71 17.07 13.98
N CYS A 205 -3.80 17.02 14.96
CA CYS A 205 -2.45 17.48 14.70
C CYS A 205 -1.67 16.57 13.76
N TYR A 206 -2.11 15.33 13.51
CA TYR A 206 -1.34 14.52 12.56
C TYR A 206 -1.40 15.11 11.16
N LEU A 207 -2.32 16.05 10.93
CA LEU A 207 -2.44 16.71 9.62
C LEU A 207 -1.70 18.05 9.54
N PHE A 208 -1.00 18.44 10.59
CA PHE A 208 -0.14 19.61 10.58
C PHE A 208 1.06 19.37 9.67
N ALA A 209 1.43 20.41 8.91
CA ALA A 209 2.68 20.36 8.15
C ALA A 209 3.37 21.71 8.16
N LEU A 210 4.69 21.65 8.08
CA LEU A 210 5.55 22.80 7.89
C LEU A 210 6.68 22.43 6.94
N VAL A 211 6.98 23.31 6.01
CA VAL A 211 8.10 23.17 5.10
C VAL A 211 8.84 24.49 5.02
N ALA A 212 10.16 24.42 5.04
CA ALA A 212 11.01 25.61 4.87
C ALA A 212 12.17 25.25 3.94
N GLY A 213 12.39 26.04 2.90
CA GLY A 213 13.48 25.72 2.01
C GLY A 213 13.45 26.59 0.78
N ASP A 214 14.31 26.22 -0.16
CA ASP A 214 14.40 26.88 -1.46
C ASP A 214 13.95 25.88 -2.52
N PHE A 215 13.03 26.31 -3.37
CA PHE A 215 12.37 25.42 -4.32
C PHE A 215 12.10 26.13 -5.65
N ASP A 216 12.08 25.32 -6.71
CA ASP A 216 11.37 25.69 -7.91
C ASP A 216 9.89 25.37 -7.68
N VAL A 217 9.01 26.18 -8.26
CA VAL A 217 7.58 26.00 -8.04
C VAL A 217 6.86 25.97 -9.37
N LEU A 218 6.17 24.86 -9.63
CA LEU A 218 5.29 24.75 -10.79
C LEU A 218 3.91 25.21 -10.36
N ARG A 219 3.37 26.20 -11.05
CA ARG A 219 2.11 26.83 -10.66
C ARG A 219 1.08 26.66 -11.75
N ASP A 220 -0.14 26.27 -11.34
CA ASP A 220 -1.23 26.06 -12.29
C ASP A 220 -2.51 26.34 -11.54
N THR A 221 -3.64 26.05 -12.19
N THR A 221 -3.65 26.13 -12.20
CA THR A 221 -4.96 26.36 -11.66
CA THR A 221 -4.92 26.29 -11.52
C THR A 221 -5.91 25.23 -11.98
C THR A 221 -5.84 25.15 -11.92
N PHE A 222 -6.81 24.91 -11.06
CA PHE A 222 -7.95 24.05 -11.34
C PHE A 222 -9.20 24.82 -10.99
N THR A 223 -10.19 24.84 -11.88
CA THR A 223 -11.47 25.45 -11.57
C THR A 223 -12.48 24.36 -11.28
N THR A 224 -13.06 24.40 -10.09
CA THR A 224 -14.00 23.35 -9.70
C THR A 224 -15.30 23.50 -10.50
N ARG A 225 -16.13 22.46 -10.41
CA ARG A 225 -17.31 22.51 -11.25
CA ARG A 225 -17.38 22.43 -11.17
C ARG A 225 -18.26 23.62 -10.86
N SER A 226 -18.22 24.09 -9.60
CA SER A 226 -19.06 25.21 -9.18
C SER A 226 -18.35 26.56 -9.34
N GLY A 227 -17.12 26.55 -9.89
CA GLY A 227 -16.45 27.78 -10.24
C GLY A 227 -15.35 28.26 -9.32
N ARG A 228 -14.97 27.49 -8.31
CA ARG A 228 -13.91 27.92 -7.43
C ARG A 228 -12.57 27.72 -8.13
N GLU A 229 -11.77 28.76 -8.20
CA GLU A 229 -10.45 28.70 -8.80
CA GLU A 229 -10.46 28.64 -8.81
C GLU A 229 -9.44 28.33 -7.72
N VAL A 230 -8.78 27.21 -7.89
CA VAL A 230 -7.82 26.70 -6.92
C VAL A 230 -6.43 26.89 -7.49
N ALA A 231 -5.56 27.58 -6.75
CA ALA A 231 -4.16 27.67 -7.13
C ALA A 231 -3.45 26.36 -6.77
N LEU A 232 -2.76 25.78 -7.74
CA LEU A 232 -2.01 24.54 -7.56
C LEU A 232 -0.53 24.88 -7.57
N GLU A 233 0.22 24.41 -6.56
CA GLU A 233 1.63 24.73 -6.44
C GLU A 233 2.39 23.47 -6.10
N LEU A 234 3.32 23.08 -6.96
CA LEU A 234 4.17 21.92 -6.75
CA LEU A 234 4.17 21.92 -6.76
C LEU A 234 5.59 22.42 -6.53
N TYR A 235 6.11 22.16 -5.33
CA TYR A 235 7.44 22.59 -4.91
C TYR A 235 8.42 21.44 -5.10
N VAL A 236 9.47 21.69 -5.88
CA VAL A 236 10.49 20.69 -6.15
C VAL A 236 11.87 21.32 -6.00
N ASP A 237 12.90 20.48 -5.90
CA ASP A 237 14.23 21.04 -5.79
CA ASP A 237 14.27 20.95 -5.83
C ASP A 237 14.58 21.83 -7.04
N ARG A 238 15.46 22.83 -6.87
CA ARG A 238 15.87 23.66 -8.00
C ARG A 238 16.37 22.80 -9.14
N GLY A 239 15.88 23.08 -10.36
CA GLY A 239 16.29 22.36 -11.55
C GLY A 239 15.32 21.28 -11.98
N ASN A 240 14.28 21.01 -11.19
CA ASN A 240 13.39 19.89 -11.46
C ASN A 240 12.03 20.28 -12.02
N LEU A 241 11.83 21.51 -12.49
CA LEU A 241 10.51 21.86 -13.02
C LEU A 241 10.09 20.99 -14.19
N ASP A 242 11.03 20.56 -15.03
CA ASP A 242 10.58 19.77 -16.17
C ASP A 242 10.28 18.33 -15.77
N ARG A 243 10.36 17.98 -14.49
CA ARG A 243 9.98 16.65 -14.00
CA ARG A 243 9.95 16.65 -14.03
C ARG A 243 8.64 16.70 -13.28
N ALA A 244 8.02 17.87 -13.17
CA ALA A 244 6.80 18.07 -12.41
C ALA A 244 5.48 18.07 -13.20
N PRO A 245 5.46 18.28 -14.53
CA PRO A 245 4.14 18.38 -15.18
C PRO A 245 3.25 17.17 -15.08
N TRP A 246 3.78 15.95 -15.07
CA TRP A 246 2.87 14.80 -14.97
C TRP A 246 2.15 14.77 -13.61
N ALA A 247 2.86 15.08 -12.53
CA ALA A 247 2.22 15.13 -11.23
C ALA A 247 1.15 16.21 -11.17
N MET A 248 1.42 17.36 -11.82
CA MET A 248 0.45 18.44 -11.87
C MET A 248 -0.79 17.99 -12.64
N THR A 249 -0.56 17.35 -13.79
CA THR A 249 -1.65 16.82 -14.60
C THR A 249 -2.48 15.81 -13.82
N SER A 250 -1.79 14.93 -13.08
CA SER A 250 -2.46 13.92 -12.27
C SER A 250 -3.29 14.54 -11.15
N LEU A 251 -2.81 15.64 -10.56
CA LEU A 251 -3.59 16.33 -9.53
C LEU A 251 -4.87 16.88 -10.12
N LYS A 252 -4.79 17.55 -11.29
CA LYS A 252 -6.00 18.02 -11.94
C LYS A 252 -6.93 16.86 -12.27
N ASN A 253 -6.36 15.74 -12.76
CA ASN A 253 -7.19 14.59 -13.10
C ASN A 253 -7.89 14.05 -11.86
N SER A 254 -7.20 14.05 -10.73
CA SER A 254 -7.79 13.57 -9.47
CA SER A 254 -7.83 13.53 -9.51
C SER A 254 -8.92 14.46 -9.02
N MET A 255 -8.71 15.78 -9.15
CA MET A 255 -9.75 16.72 -8.75
CA MET A 255 -9.75 16.74 -8.76
C MET A 255 -11.00 16.55 -9.61
N LYS A 256 -10.83 16.44 -10.92
CA LYS A 256 -11.95 16.26 -11.82
C LYS A 256 -12.68 14.94 -11.53
N TRP A 257 -11.92 13.85 -11.34
CA TRP A 257 -12.56 12.56 -11.09
C TRP A 257 -13.35 12.56 -9.80
N ASP A 258 -12.82 13.15 -8.74
CA ASP A 258 -13.58 13.12 -7.49
C ASP A 258 -14.88 13.90 -7.63
N GLU A 259 -14.88 14.96 -8.46
CA GLU A 259 -16.12 15.64 -8.78
C GLU A 259 -17.08 14.74 -9.53
N GLU A 260 -16.58 14.10 -10.59
CA GLU A 260 -17.45 13.31 -11.47
C GLU A 260 -17.99 12.06 -10.78
N ARG A 261 -17.12 11.32 -10.09
CA ARG A 261 -17.48 10.03 -9.53
C ARG A 261 -18.13 10.14 -8.14
N PHE A 262 -17.61 11.02 -7.27
CA PHE A 262 -18.10 11.14 -5.90
C PHE A 262 -18.81 12.44 -5.60
N GLY A 263 -18.81 13.39 -6.52
CA GLY A 263 -19.42 14.68 -6.31
C GLY A 263 -18.71 15.58 -5.32
N LEU A 264 -17.41 15.40 -5.15
CA LEU A 264 -16.64 16.11 -4.14
C LEU A 264 -15.74 17.14 -4.79
N GLU A 265 -15.79 18.37 -4.27
CA GLU A 265 -14.94 19.47 -4.69
C GLU A 265 -13.91 19.79 -3.62
N TYR A 266 -12.76 20.30 -4.06
CA TYR A 266 -11.80 20.82 -3.11
C TYR A 266 -12.38 22.03 -2.40
N ASP A 267 -11.89 22.27 -1.18
CA ASP A 267 -12.55 23.17 -0.24
C ASP A 267 -11.71 24.36 0.19
N LEU A 268 -10.50 24.52 -0.34
CA LEU A 268 -9.61 25.64 -0.06
C LEU A 268 -9.21 26.29 -1.38
N ASP A 269 -8.37 27.30 -1.21
N ASP A 269 -8.56 27.44 -1.36
CA ASP A 269 -7.91 28.26 -2.21
CA ASP A 269 -8.22 28.06 -2.65
C ASP A 269 -6.62 27.83 -2.89
C ASP A 269 -6.78 27.85 -3.04
N ILE A 270 -5.71 27.26 -2.11
N ILE A 270 -6.09 26.92 -2.36
CA ILE A 270 -4.45 26.72 -2.59
CA ILE A 270 -4.67 26.67 -2.57
C ILE A 270 -4.44 25.23 -2.31
C ILE A 270 -4.39 25.21 -2.26
N TYR A 271 -3.75 24.52 -3.20
CA TYR A 271 -3.34 23.12 -3.02
C TYR A 271 -1.84 23.07 -3.25
N MET A 272 -1.08 22.83 -2.18
CA MET A 272 0.36 22.72 -2.27
C MET A 272 0.80 21.27 -2.13
N ILE A 273 1.78 20.89 -2.94
CA ILE A 273 2.49 19.62 -2.82
C ILE A 273 3.97 19.93 -2.78
N VAL A 274 4.69 19.36 -1.81
CA VAL A 274 6.14 19.50 -1.73
C VAL A 274 6.78 18.13 -1.90
N ALA A 275 7.73 18.02 -2.84
CA ALA A 275 8.47 16.78 -3.05
C ALA A 275 9.74 16.84 -2.21
N VAL A 276 9.95 15.84 -1.34
CA VAL A 276 11.16 15.77 -0.54
C VAL A 276 11.86 14.42 -0.75
N ASP A 277 13.20 14.44 -0.66
CA ASP A 277 13.97 13.24 -0.95
C ASP A 277 14.03 12.28 0.22
N PHE A 278 13.89 12.79 1.45
CA PHE A 278 14.04 12.00 2.68
C PHE A 278 12.68 11.90 3.32
N PHE A 279 12.03 10.74 3.19
CA PHE A 279 10.63 10.60 3.61
C PHE A 279 10.35 9.12 3.87
N ASN A 280 9.88 8.80 5.08
N ASN A 280 9.73 8.83 5.02
CA ASN A 280 9.72 7.39 5.40
CA ASN A 280 9.46 7.44 5.41
C ASN A 280 8.58 6.75 4.62
C ASN A 280 8.12 6.90 4.93
N MET A 281 7.58 7.52 4.23
N MET A 281 7.11 7.76 4.72
CA MET A 281 6.35 7.05 3.60
CA MET A 281 5.72 7.32 4.56
C MET A 281 6.36 7.44 2.12
C MET A 281 5.21 7.39 3.12
N GLY A 282 5.32 7.01 1.41
N GLY A 282 6.10 7.66 2.15
CA GLY A 282 5.15 7.45 0.05
CA GLY A 282 5.72 7.74 0.75
C GLY A 282 4.71 8.89 -0.07
C GLY A 282 5.12 9.07 0.37
N ALA A 283 3.76 9.31 0.75
N ALA A 283 3.97 9.39 0.96
CA ALA A 283 3.24 10.67 0.71
CA ALA A 283 3.26 10.64 0.75
C ALA A 283 2.32 10.85 1.90
C ALA A 283 2.42 10.88 1.99
N MET A 284 1.86 12.10 2.09
CA MET A 284 1.07 12.43 3.28
C MET A 284 0.09 13.55 2.99
N GLU A 285 -1.16 13.35 3.43
CA GLU A 285 -2.30 14.19 3.08
C GLU A 285 -2.48 15.43 3.96
N ASN A 286 -1.41 16.05 4.44
CA ASN A 286 -1.60 17.21 5.32
C ASN A 286 -2.47 18.24 4.60
N LYS A 287 -3.40 18.83 5.33
CA LYS A 287 -4.47 19.63 4.71
C LYS A 287 -3.87 20.78 3.92
N GLY A 288 -4.15 20.79 2.60
CA GLY A 288 -3.68 21.85 1.72
C GLY A 288 -2.19 21.92 1.50
N LEU A 289 -1.42 21.02 2.11
CA LEU A 289 0.04 21.07 2.05
C LEU A 289 0.52 19.62 2.13
N ASN A 290 0.28 18.86 1.06
CA ASN A 290 0.74 17.49 1.07
C ASN A 290 2.26 17.47 0.94
N ILE A 291 2.88 16.50 1.60
CA ILE A 291 4.31 16.27 1.45
C ILE A 291 4.48 14.87 0.87
N PHE A 292 5.23 14.79 -0.24
CA PHE A 292 5.40 13.59 -1.03
C PHE A 292 6.85 13.16 -1.05
N ASN A 293 7.10 11.86 -0.96
CA ASN A 293 8.40 11.34 -1.40
C ASN A 293 8.58 11.70 -2.87
N SER A 294 9.76 12.21 -3.23
CA SER A 294 10.06 12.58 -4.61
CA SER A 294 9.95 12.62 -4.61
C SER A 294 9.73 11.47 -5.61
N LYS A 295 9.82 10.22 -5.16
CA LYS A 295 9.53 9.07 -6.03
CA LYS A 295 9.54 9.09 -6.07
C LYS A 295 8.13 9.15 -6.63
N TYR A 296 7.19 9.78 -5.92
CA TYR A 296 5.81 9.86 -6.34
C TYR A 296 5.43 11.25 -6.87
N VAL A 297 6.43 12.03 -7.29
CA VAL A 297 6.23 13.30 -7.98
C VAL A 297 7.00 13.35 -9.29
N LEU A 298 8.31 13.04 -9.26
CA LEU A 298 9.19 13.40 -10.37
C LEU A 298 9.15 12.37 -11.48
N ALA A 299 8.92 12.83 -12.72
CA ALA A 299 8.92 11.94 -13.87
C ALA A 299 9.36 12.66 -15.13
N ARG A 300 10.19 11.95 -15.89
N ARG A 300 10.29 12.02 -15.85
CA ARG A 300 10.57 12.33 -17.24
CA ARG A 300 10.66 12.34 -17.21
C ARG A 300 10.87 11.04 -17.96
C ARG A 300 10.77 11.00 -17.94
N THR A 301 10.58 11.00 -19.26
CA THR A 301 10.48 9.70 -19.96
C THR A 301 11.81 8.96 -20.03
N ASP A 302 12.95 9.67 -19.91
CA ASP A 302 14.23 8.97 -19.94
C ASP A 302 14.58 8.35 -18.60
N THR A 303 13.90 8.75 -17.54
CA THR A 303 14.25 8.31 -16.20
C THR A 303 13.17 7.54 -15.48
N ALA A 304 11.92 7.66 -15.93
CA ALA A 304 10.78 7.07 -15.25
C ALA A 304 10.10 6.09 -16.19
N THR A 305 9.60 5.00 -15.62
CA THR A 305 8.92 3.94 -16.35
C THR A 305 7.40 4.20 -16.38
N ASP A 306 6.71 3.45 -17.25
CA ASP A 306 5.24 3.46 -17.25
C ASP A 306 4.70 3.23 -15.85
N LYS A 307 5.27 2.26 -15.14
CA LYS A 307 4.84 1.97 -13.76
CA LYS A 307 4.81 1.98 -13.78
C LYS A 307 5.01 3.19 -12.87
N ASP A 308 6.13 3.89 -13.01
CA ASP A 308 6.34 5.11 -12.23
C ASP A 308 5.26 6.13 -12.52
N TYR A 309 4.95 6.32 -13.81
CA TYR A 309 3.90 7.27 -14.17
C TYR A 309 2.58 6.89 -13.52
N LEU A 310 2.22 5.60 -13.59
CA LEU A 310 0.92 5.23 -13.05
C LEU A 310 0.93 5.21 -11.53
N ASP A 311 2.10 5.00 -10.92
CA ASP A 311 2.19 5.13 -9.45
C ASP A 311 2.07 6.59 -8.99
N ILE A 312 2.69 7.51 -9.72
CA ILE A 312 2.49 8.94 -9.42
C ILE A 312 1.01 9.28 -9.49
N GLU A 313 0.33 8.83 -10.56
CA GLU A 313 -1.10 9.09 -10.67
C GLU A 313 -1.85 8.55 -9.46
N ARG A 314 -1.56 7.30 -9.08
CA ARG A 314 -2.25 6.64 -7.97
CA ARG A 314 -2.26 6.65 -7.98
C ARG A 314 -2.01 7.36 -6.66
N VAL A 315 -0.76 7.76 -6.41
CA VAL A 315 -0.40 8.36 -5.12
C VAL A 315 -0.88 9.80 -5.03
N ILE A 316 -0.74 10.57 -6.11
CA ILE A 316 -1.36 11.89 -6.18
C ILE A 316 -2.86 11.76 -5.89
N GLY A 317 -3.51 10.81 -6.56
CA GLY A 317 -4.92 10.61 -6.33
C GLY A 317 -5.22 10.26 -4.88
N HIS A 318 -4.55 9.24 -4.36
CA HIS A 318 -4.75 8.82 -2.96
C HIS A 318 -4.71 10.02 -2.01
N GLU A 319 -3.66 10.82 -2.10
CA GLU A 319 -3.51 11.94 -1.17
C GLU A 319 -4.59 12.97 -1.39
N TYR A 320 -4.96 13.23 -2.65
CA TYR A 320 -6.06 14.15 -2.91
C TYR A 320 -7.38 13.62 -2.32
N PHE A 321 -7.64 12.32 -2.50
CA PHE A 321 -8.91 11.76 -2.04
C PHE A 321 -9.03 11.80 -0.52
N HIS A 322 -7.90 11.77 0.18
CA HIS A 322 -7.92 11.94 1.63
C HIS A 322 -8.53 13.26 2.06
N ASN A 323 -8.55 14.26 1.20
CA ASN A 323 -9.08 15.55 1.64
C ASN A 323 -10.50 15.42 2.20
N TRP A 324 -11.29 14.50 1.65
CA TRP A 324 -12.60 14.17 2.21
C TRP A 324 -12.53 12.94 3.09
N THR A 325 -11.92 11.85 2.61
CA THR A 325 -11.88 10.59 3.37
C THR A 325 -10.59 10.54 4.17
N GLY A 326 -10.62 11.25 5.29
CA GLY A 326 -9.50 11.40 6.18
C GLY A 326 -9.41 12.77 6.83
N ASN A 327 -9.63 13.84 6.04
CA ASN A 327 -9.44 15.19 6.57
C ASN A 327 -10.78 15.80 6.95
N ARG A 328 -11.70 15.95 6.00
CA ARG A 328 -13.00 16.49 6.37
C ARG A 328 -13.73 15.57 7.36
N VAL A 329 -13.59 14.26 7.18
CA VAL A 329 -13.96 13.30 8.21
C VAL A 329 -12.68 12.57 8.57
N THR A 330 -12.29 12.64 9.85
CA THR A 330 -11.06 12.00 10.29
C THR A 330 -11.41 10.80 11.19
N CYS A 331 -10.41 10.30 11.91
CA CYS A 331 -10.49 9.08 12.72
C CYS A 331 -10.63 9.43 14.20
N ARG A 332 -11.63 8.84 14.87
CA ARG A 332 -11.81 9.06 16.30
C ARG A 332 -10.59 8.62 17.10
N ASP A 333 -9.97 7.51 16.69
CA ASP A 333 -8.80 6.96 17.35
C ASP A 333 -8.05 6.15 16.29
N TRP A 334 -6.79 5.79 16.61
CA TRP A 334 -5.99 5.16 15.57
C TRP A 334 -6.40 3.73 15.25
N PHE A 335 -7.19 3.09 16.12
CA PHE A 335 -7.73 1.78 15.75
C PHE A 335 -8.70 1.88 14.58
N GLN A 336 -9.21 3.09 14.30
CA GLN A 336 -10.10 3.31 13.16
C GLN A 336 -9.34 3.68 11.87
N LEU A 337 -8.03 3.45 11.83
CA LEU A 337 -7.24 3.87 10.68
C LEU A 337 -7.86 3.46 9.34
N SER A 338 -8.39 2.22 9.24
CA SER A 338 -8.92 1.75 7.96
C SER A 338 -10.13 2.57 7.51
N LEU A 339 -10.81 3.25 8.41
CA LEU A 339 -11.89 4.17 8.03
C LEU A 339 -11.45 5.12 6.93
N LYS A 340 -10.25 5.69 7.06
CA LYS A 340 -9.71 6.54 6.01
C LYS A 340 -8.83 5.78 5.04
N GLU A 341 -8.09 4.76 5.47
CA GLU A 341 -7.14 4.15 4.52
C GLU A 341 -7.80 3.11 3.61
N GLY A 342 -8.68 2.23 4.13
CA GLY A 342 -9.35 1.30 3.23
C GLY A 342 -10.20 2.05 2.22
N LEU A 343 -10.88 3.09 2.70
CA LEU A 343 -11.76 3.87 1.82
C LEU A 343 -10.97 4.70 0.82
N THR A 344 -9.83 5.26 1.23
CA THR A 344 -9.03 6.06 0.30
C THR A 344 -8.29 5.17 -0.69
N VAL A 345 -7.82 3.98 -0.27
CA VAL A 345 -7.27 3.01 -1.23
C VAL A 345 -8.34 2.59 -2.22
N PHE A 346 -9.56 2.32 -1.75
CA PHE A 346 -10.63 1.99 -2.70
C PHE A 346 -10.83 3.12 -3.71
N ARG A 347 -10.81 4.36 -3.23
CA ARG A 347 -10.95 5.51 -4.11
C ARG A 347 -9.79 5.59 -5.09
N ASP A 348 -8.55 5.36 -4.64
CA ASP A 348 -7.45 5.45 -5.61
C ASP A 348 -7.51 4.32 -6.63
N GLN A 349 -7.99 3.12 -6.24
CA GLN A 349 -8.13 2.01 -7.19
C GLN A 349 -9.21 2.32 -8.21
N GLU A 350 -10.31 2.88 -7.77
CA GLU A 350 -11.39 3.23 -8.67
C GLU A 350 -10.97 4.33 -9.64
N PHE A 351 -10.22 5.31 -9.16
CA PHE A 351 -9.64 6.35 -10.01
C PHE A 351 -8.73 5.75 -11.08
N SER A 352 -7.74 4.97 -10.67
CA SER A 352 -6.83 4.35 -11.61
C SER A 352 -7.57 3.48 -12.61
N SER A 353 -8.55 2.73 -12.10
CA SER A 353 -9.30 1.79 -12.94
C SER A 353 -10.19 2.51 -13.95
N ASP A 354 -10.83 3.60 -13.53
CA ASP A 354 -11.66 4.38 -14.46
C ASP A 354 -10.81 5.01 -15.55
N LEU A 355 -9.68 5.61 -15.17
CA LEU A 355 -8.86 6.33 -16.16
C LEU A 355 -8.08 5.39 -17.06
N GLY A 356 -7.67 4.24 -16.52
CA GLY A 356 -6.78 3.33 -17.20
C GLY A 356 -7.45 1.99 -17.45
N SER A 357 -6.72 0.91 -17.31
CA SER A 357 -7.23 -0.43 -17.54
C SER A 357 -7.80 -0.96 -16.25
N ARG A 358 -9.13 -1.12 -16.19
CA ARG A 358 -9.72 -1.67 -14.97
C ARG A 358 -9.21 -3.08 -14.70
N ALA A 359 -9.10 -3.91 -15.77
CA ALA A 359 -8.69 -5.28 -15.56
C ALA A 359 -7.26 -5.37 -15.04
N VAL A 360 -6.36 -4.56 -15.58
CA VAL A 360 -4.99 -4.66 -15.10
C VAL A 360 -4.91 -4.16 -13.65
N ASN A 361 -5.63 -3.09 -13.34
CA ASN A 361 -5.64 -2.63 -11.96
C ASN A 361 -6.18 -3.72 -11.03
N ARG A 362 -7.30 -4.32 -11.39
CA ARG A 362 -7.87 -5.34 -10.51
C ARG A 362 -6.92 -6.52 -10.36
N ILE A 363 -6.35 -6.98 -11.48
CA ILE A 363 -5.40 -8.08 -11.45
C ILE A 363 -4.26 -7.77 -10.49
N ASN A 364 -3.67 -6.59 -10.62
CA ASN A 364 -2.52 -6.31 -9.77
CA ASN A 364 -2.54 -6.19 -9.79
C ASN A 364 -2.91 -6.13 -8.31
N ASN A 365 -4.10 -5.62 -8.02
CA ASN A 365 -4.51 -5.53 -6.62
C ASN A 365 -4.80 -6.91 -6.05
N VAL A 366 -5.28 -7.82 -6.88
CA VAL A 366 -5.48 -9.19 -6.40
C VAL A 366 -4.14 -9.91 -6.19
N ARG A 367 -3.15 -9.67 -7.07
CA ARG A 367 -1.81 -10.21 -6.85
CA ARG A 367 -1.83 -10.24 -6.83
C ARG A 367 -1.26 -9.77 -5.49
N THR A 368 -1.45 -8.50 -5.16
CA THR A 368 -1.00 -7.98 -3.87
C THR A 368 -1.75 -8.65 -2.72
N MET A 369 -3.06 -8.80 -2.87
CA MET A 369 -3.83 -9.44 -1.80
C MET A 369 -3.39 -10.89 -1.58
N ARG A 370 -3.34 -11.68 -2.64
CA ARG A 370 -3.05 -13.10 -2.52
C ARG A 370 -1.60 -13.37 -2.21
N GLY A 371 -0.69 -12.55 -2.71
CA GLY A 371 0.70 -12.86 -2.56
C GLY A 371 1.42 -12.15 -1.43
N LEU A 372 0.88 -11.07 -0.92
CA LEU A 372 1.47 -10.31 0.18
C LEU A 372 0.54 -10.19 1.37
N GLN A 373 -0.73 -9.80 1.17
CA GLN A 373 -1.59 -9.58 2.33
C GLN A 373 -1.99 -10.89 2.98
N PHE A 374 -2.29 -11.92 2.18
CA PHE A 374 -2.62 -13.22 2.77
C PHE A 374 -1.50 -13.68 3.69
N ALA A 375 -0.25 -13.50 3.27
CA ALA A 375 0.88 -13.90 4.11
C ALA A 375 0.89 -13.15 5.44
N GLU A 376 0.62 -11.85 5.43
CA GLU A 376 0.52 -11.10 6.67
C GLU A 376 -0.58 -11.66 7.56
N ASP A 377 -1.72 -12.01 6.98
CA ASP A 377 -2.88 -12.46 7.73
C ASP A 377 -2.70 -13.85 8.30
N ALA A 378 -1.63 -14.55 7.88
N ALA A 378 -1.67 -14.58 7.92
CA ALA A 378 -1.22 -15.85 8.40
CA ALA A 378 -1.36 -15.82 8.61
C ALA A 378 0.15 -15.76 9.08
C ALA A 378 -0.21 -15.67 9.59
N SER A 379 0.47 -14.55 9.58
N SER A 379 0.47 -14.52 9.57
CA SER A 379 1.74 -14.27 10.25
CA SER A 379 1.72 -14.31 10.28
C SER A 379 1.50 -13.89 11.72
C SER A 379 1.48 -13.91 11.73
N PRO A 380 2.56 -13.81 12.51
CA PRO A 380 2.41 -13.38 13.92
C PRO A 380 1.85 -11.99 14.06
N MET A 381 1.94 -11.16 13.00
CA MET A 381 1.43 -9.79 13.05
CA MET A 381 1.44 -9.79 13.00
C MET A 381 -0.02 -9.69 12.60
N ALA A 382 -0.71 -10.81 12.38
CA ALA A 382 -2.08 -10.78 11.88
C ALA A 382 -2.96 -9.89 12.77
N HIS A 383 -3.85 -9.12 12.12
CA HIS A 383 -4.76 -8.24 12.83
C HIS A 383 -5.99 -8.04 11.97
N PRO A 384 -7.13 -7.76 12.58
CA PRO A 384 -8.30 -7.31 11.80
C PRO A 384 -8.01 -5.95 11.19
N ILE A 385 -8.80 -5.59 10.17
CA ILE A 385 -8.62 -4.29 9.53
C ILE A 385 -8.86 -3.17 10.50
N ARG A 386 -9.65 -3.43 11.54
CA ARG A 386 -9.76 -2.53 12.69
C ARG A 386 -9.05 -3.23 13.86
N PRO A 387 -7.81 -2.88 14.15
CA PRO A 387 -7.07 -3.60 15.20
C PRO A 387 -7.73 -3.44 16.57
N ASP A 388 -7.45 -4.41 17.41
CA ASP A 388 -7.89 -4.38 18.80
C ASP A 388 -6.77 -4.04 19.79
N MET A 389 -5.51 -4.23 19.40
N MET A 389 -5.51 -4.27 19.42
CA MET A 389 -4.34 -4.16 20.28
CA MET A 389 -4.37 -4.09 20.31
C MET A 389 -3.16 -3.61 19.48
C MET A 389 -3.17 -3.61 19.50
N VAL A 390 -2.54 -2.55 19.97
CA VAL A 390 -1.41 -1.90 19.29
C VAL A 390 -0.38 -1.48 20.33
N ILE A 391 0.89 -1.78 20.06
CA ILE A 391 1.97 -1.19 20.86
C ILE A 391 2.51 0.05 20.19
N GLU A 392 2.94 -0.06 18.92
CA GLU A 392 3.47 1.05 18.14
C GLU A 392 2.56 1.26 16.93
N MET A 393 1.81 2.36 16.94
CA MET A 393 0.82 2.56 15.89
C MET A 393 1.44 2.64 14.50
N ASN A 394 2.68 3.10 14.38
CA ASN A 394 3.23 3.16 13.03
C ASN A 394 3.49 1.76 12.45
N ASN A 395 3.39 0.70 13.26
CA ASN A 395 3.44 -0.68 12.78
C ASN A 395 2.15 -1.15 12.12
N PHE A 396 1.09 -0.34 12.13
CA PHE A 396 -0.21 -0.78 11.65
C PHE A 396 -0.65 -0.07 10.38
N TYR A 397 0.31 0.49 9.65
CA TYR A 397 0.06 1.04 8.30
C TYR A 397 0.34 -0.08 7.30
N THR A 398 -0.56 -1.06 7.31
CA THR A 398 -0.28 -2.40 6.79
C THR A 398 -1.08 -2.73 5.53
N LEU A 399 -0.58 -3.75 4.83
CA LEU A 399 -1.35 -4.41 3.78
C LEU A 399 -2.77 -4.73 4.24
N THR A 400 -2.91 -5.19 5.47
CA THR A 400 -4.24 -5.50 5.98
C THR A 400 -5.11 -4.24 6.07
N VAL A 401 -4.63 -3.21 6.75
CA VAL A 401 -5.46 -2.03 6.98
C VAL A 401 -5.79 -1.32 5.67
N TYR A 402 -4.82 -1.30 4.76
CA TYR A 402 -4.94 -0.63 3.46
C TYR A 402 -5.62 -1.51 2.42
N GLU A 403 -4.96 -2.58 2.00
CA GLU A 403 -5.41 -3.36 0.87
CA GLU A 403 -5.42 -3.37 0.87
C GLU A 403 -6.60 -4.26 1.23
N LYS A 404 -6.52 -4.99 2.35
CA LYS A 404 -7.73 -5.71 2.75
C LYS A 404 -8.83 -4.74 3.17
N GLY A 405 -8.47 -3.63 3.82
CA GLY A 405 -9.45 -2.58 4.08
C GLY A 405 -10.21 -2.17 2.85
N ALA A 406 -9.49 -1.97 1.74
CA ALA A 406 -10.14 -1.59 0.48
C ALA A 406 -11.01 -2.72 -0.06
N GLU A 407 -10.56 -3.99 0.08
CA GLU A 407 -11.42 -5.12 -0.33
C GLU A 407 -12.72 -5.14 0.45
N VAL A 408 -12.67 -4.76 1.74
CA VAL A 408 -13.90 -4.70 2.53
C VAL A 408 -14.81 -3.58 2.03
N ILE A 409 -14.26 -2.40 1.72
CA ILE A 409 -15.07 -1.35 1.12
C ILE A 409 -15.69 -1.84 -0.19
N ARG A 410 -14.87 -2.52 -0.99
CA ARG A 410 -15.33 -3.00 -2.29
C ARG A 410 -16.43 -4.04 -2.14
N MET A 411 -16.39 -4.86 -1.06
CA MET A 411 -17.50 -5.77 -0.80
C MET A 411 -18.78 -5.02 -0.50
N ILE A 412 -18.69 -3.92 0.27
CA ILE A 412 -19.86 -3.08 0.48
C ILE A 412 -20.39 -2.58 -0.86
N HIS A 413 -19.50 -2.08 -1.71
CA HIS A 413 -19.91 -1.63 -3.04
C HIS A 413 -20.58 -2.76 -3.84
N THR A 414 -20.03 -3.97 -3.77
CA THR A 414 -20.65 -5.14 -4.43
C THR A 414 -22.04 -5.43 -3.89
N LEU A 415 -22.21 -5.38 -2.57
CA LEU A 415 -23.51 -5.68 -1.98
C LEU A 415 -24.53 -4.57 -2.25
N LEU A 416 -24.09 -3.33 -2.38
CA LEU A 416 -24.99 -2.19 -2.50
C LEU A 416 -25.23 -1.73 -3.93
N GLY A 417 -24.24 -1.88 -4.80
CA GLY A 417 -24.28 -1.23 -6.09
C GLY A 417 -23.84 0.22 -5.98
N GLU A 418 -23.41 0.79 -7.12
CA GLU A 418 -22.83 2.12 -7.14
C GLU A 418 -23.80 3.18 -6.62
N GLU A 419 -25.06 3.14 -7.05
CA GLU A 419 -25.99 4.19 -6.66
C GLU A 419 -26.18 4.21 -5.13
N ASN A 420 -26.48 3.03 -4.54
N ASN A 420 -26.42 3.06 -4.53
CA ASN A 420 -26.62 2.94 -3.08
CA ASN A 420 -26.64 3.10 -3.10
C ASN A 420 -25.34 3.31 -2.38
C ASN A 420 -25.35 3.15 -2.29
N PHE A 421 -24.21 2.84 -2.92
CA PHE A 421 -22.91 3.15 -2.30
C PHE A 421 -22.69 4.65 -2.23
N GLN A 422 -23.00 5.37 -3.31
CA GLN A 422 -22.85 6.82 -3.28
C GLN A 422 -23.84 7.47 -2.32
N LYS A 423 -25.08 6.94 -2.22
CA LYS A 423 -25.98 7.46 -1.20
CA LYS A 423 -26.00 7.43 -1.19
C LYS A 423 -25.40 7.27 0.19
N GLY A 424 -24.73 6.13 0.42
CA GLY A 424 -24.05 5.92 1.69
C GLY A 424 -22.91 6.90 1.93
N MET A 425 -22.11 7.17 0.89
CA MET A 425 -21.06 8.19 1.00
C MET A 425 -21.67 9.52 1.41
N GLN A 426 -22.76 9.90 0.74
CA GLN A 426 -23.40 11.19 1.00
CA GLN A 426 -23.38 11.19 1.01
C GLN A 426 -23.90 11.28 2.44
N LEU A 427 -24.49 10.19 2.94
CA LEU A 427 -25.00 10.20 4.30
C LEU A 427 -23.84 10.24 5.30
N TYR A 428 -22.77 9.51 5.00
CA TYR A 428 -21.55 9.53 5.81
C TYR A 428 -21.02 10.96 5.96
N PHE A 429 -20.89 11.68 4.84
CA PHE A 429 -20.40 13.05 4.97
C PHE A 429 -21.42 13.96 5.67
N GLU A 430 -22.72 13.78 5.37
CA GLU A 430 -23.71 14.65 6.01
CA GLU A 430 -23.74 14.61 6.01
C GLU A 430 -23.66 14.49 7.52
N ARG A 431 -23.52 13.26 7.99
CA ARG A 431 -23.49 13.01 9.43
C ARG A 431 -22.17 13.42 10.07
N HIS A 432 -21.06 13.19 9.39
CA HIS A 432 -19.77 13.19 10.08
C HIS A 432 -18.78 14.22 9.59
N ASP A 433 -19.13 15.02 8.59
CA ASP A 433 -18.25 16.10 8.17
C ASP A 433 -17.89 16.96 9.38
N GLY A 434 -16.61 17.23 9.53
CA GLY A 434 -16.13 18.07 10.61
C GLY A 434 -15.90 17.33 11.89
N SER A 435 -15.91 16.00 11.87
CA SER A 435 -15.72 15.24 13.08
C SER A 435 -14.71 14.13 12.86
N ALA A 436 -14.46 13.38 13.95
N ALA A 436 -14.33 13.52 13.97
CA ALA A 436 -13.52 12.27 14.01
CA ALA A 436 -13.64 12.27 13.96
C ALA A 436 -14.32 11.00 14.33
C ALA A 436 -14.68 11.17 14.04
N ALA A 437 -14.58 10.21 13.28
N ALA A 437 -14.51 10.13 13.23
CA ALA A 437 -15.59 9.15 13.31
CA ALA A 437 -15.53 9.11 13.07
C ALA A 437 -14.95 7.76 13.39
C ALA A 437 -14.93 7.73 13.31
N THR A 438 -15.81 6.73 13.36
CA THR A 438 -15.38 5.34 13.52
C THR A 438 -15.74 4.50 12.29
N CYS A 439 -15.07 3.36 12.16
CA CYS A 439 -15.46 2.39 11.14
C CYS A 439 -16.94 2.05 11.23
N ASP A 440 -17.42 1.84 12.45
CA ASP A 440 -18.82 1.51 12.62
C ASP A 440 -19.73 2.61 12.08
N ASP A 441 -19.38 3.88 12.30
CA ASP A 441 -20.15 5.00 11.77
C ASP A 441 -20.30 4.88 10.26
N PHE A 442 -19.21 4.53 9.59
CA PHE A 442 -19.24 4.40 8.14
C PHE A 442 -20.16 3.26 7.69
N VAL A 443 -20.03 2.09 8.30
CA VAL A 443 -20.90 0.98 7.96
C VAL A 443 -22.35 1.36 8.21
N GLN A 444 -22.63 2.03 9.33
CA GLN A 444 -24.00 2.43 9.64
CA GLN A 444 -24.00 2.39 9.62
C GLN A 444 -24.55 3.36 8.58
N ALA A 445 -23.72 4.31 8.09
CA ALA A 445 -24.19 5.21 7.03
C ALA A 445 -24.55 4.43 5.76
N MET A 446 -23.72 3.44 5.40
CA MET A 446 -23.98 2.63 4.21
C MET A 446 -25.27 1.83 4.37
N GLU A 447 -25.44 1.21 5.55
CA GLU A 447 -26.63 0.43 5.86
CA GLU A 447 -26.64 0.43 5.82
C GLU A 447 -27.88 1.31 5.84
N ASP A 448 -27.82 2.46 6.49
CA ASP A 448 -28.99 3.32 6.60
C ASP A 448 -29.37 3.92 5.25
N ALA A 449 -28.39 4.28 4.43
CA ALA A 449 -28.73 4.92 3.15
C ALA A 449 -29.30 3.92 2.15
N SER A 450 -28.83 2.67 2.22
CA SER A 450 -29.12 1.66 1.22
C SER A 450 -30.24 0.72 1.58
N ASN A 451 -30.55 0.62 2.88
CA ASN A 451 -31.46 -0.38 3.43
CA ASN A 451 -31.46 -0.39 3.44
C ASN A 451 -30.95 -1.82 3.23
N VAL A 452 -29.66 -1.98 3.04
CA VAL A 452 -29.02 -3.30 3.02
C VAL A 452 -28.50 -3.57 4.42
N ASP A 453 -28.86 -4.73 4.99
CA ASP A 453 -28.42 -5.11 6.33
C ASP A 453 -26.95 -5.52 6.32
N LEU A 454 -26.13 -4.73 7.01
CA LEU A 454 -24.70 -4.98 7.16
C LEU A 454 -24.32 -5.39 8.58
N SER A 455 -25.27 -5.91 9.36
CA SER A 455 -24.95 -6.30 10.73
CA SER A 455 -24.97 -6.31 10.73
C SER A 455 -23.96 -7.46 10.75
N HIS A 456 -24.23 -8.51 10.00
CA HIS A 456 -23.28 -9.63 9.92
C HIS A 456 -21.99 -9.17 9.23
N PHE A 457 -22.12 -8.37 8.17
CA PHE A 457 -20.97 -7.89 7.43
C PHE A 457 -19.93 -7.25 8.34
N ARG A 458 -20.37 -6.58 9.41
CA ARG A 458 -19.44 -5.90 10.32
C ARG A 458 -18.36 -6.82 10.87
N ARG A 459 -18.59 -8.13 10.90
CA ARG A 459 -17.58 -9.04 11.43
CA ARG A 459 -17.57 -9.03 11.44
C ARG A 459 -16.28 -8.97 10.62
N TRP A 460 -16.34 -8.50 9.37
CA TRP A 460 -15.10 -8.31 8.61
C TRP A 460 -14.14 -7.30 9.28
N TYR A 461 -14.66 -6.38 10.07
CA TYR A 461 -13.83 -5.40 10.75
C TYR A 461 -13.16 -5.98 11.99
N SER A 462 -13.73 -7.03 12.57
CA SER A 462 -13.32 -7.57 13.85
CA SER A 462 -13.25 -7.52 13.84
C SER A 462 -12.52 -8.85 13.77
N GLN A 463 -12.55 -9.54 12.63
CA GLN A 463 -11.95 -10.86 12.52
C GLN A 463 -10.77 -10.82 11.58
N SER A 464 -9.65 -11.36 12.06
CA SER A 464 -8.45 -11.45 11.23
C SER A 464 -8.39 -12.81 10.52
N GLY A 465 -7.42 -12.96 9.63
CA GLY A 465 -7.22 -14.20 8.92
C GLY A 465 -7.98 -14.22 7.59
N THR A 466 -7.56 -15.13 6.72
CA THR A 466 -8.14 -15.26 5.38
C THR A 466 -9.18 -16.38 5.38
N PRO A 467 -10.44 -16.12 5.06
CA PRO A 467 -11.39 -17.22 4.93
C PRO A 467 -11.02 -18.11 3.77
N ILE A 468 -11.35 -19.38 3.93
CA ILE A 468 -11.24 -20.40 2.90
C ILE A 468 -12.66 -20.81 2.53
N VAL A 469 -12.98 -20.65 1.26
CA VAL A 469 -14.30 -20.99 0.73
C VAL A 469 -14.12 -22.21 -0.15
N THR A 470 -14.81 -23.28 0.21
CA THR A 470 -14.77 -24.56 -0.49
C THR A 470 -16.06 -24.72 -1.26
N VAL A 471 -15.95 -25.07 -2.53
CA VAL A 471 -17.11 -25.21 -3.39
C VAL A 471 -17.11 -26.60 -4.00
N LYS A 472 -18.25 -27.26 -3.90
CA LYS A 472 -18.52 -28.50 -4.62
CA LYS A 472 -18.48 -28.48 -4.67
C LYS A 472 -19.75 -28.28 -5.49
N ASP A 473 -19.81 -28.96 -6.64
CA ASP A 473 -20.95 -28.73 -7.52
C ASP A 473 -21.54 -30.03 -8.00
N ASP A 474 -22.77 -29.94 -8.50
CA ASP A 474 -23.47 -31.11 -9.00
C ASP A 474 -24.42 -30.65 -10.08
N TYR A 475 -24.42 -31.33 -11.21
CA TYR A 475 -25.36 -31.07 -12.27
C TYR A 475 -26.30 -32.26 -12.40
N ASN A 476 -27.57 -32.00 -12.31
CA ASN A 476 -28.60 -33.02 -12.41
C ASN A 476 -29.28 -32.94 -13.77
N PRO A 477 -28.97 -33.83 -14.71
CA PRO A 477 -29.60 -33.73 -16.04
C PRO A 477 -31.07 -34.05 -16.03
N GLU A 478 -31.55 -34.82 -15.06
CA GLU A 478 -32.98 -35.15 -15.03
C GLU A 478 -33.81 -33.90 -14.74
N THR A 479 -33.36 -33.06 -13.82
CA THR A 479 -34.11 -31.88 -13.41
C THR A 479 -33.58 -30.59 -14.02
N GLU A 480 -32.44 -30.66 -14.71
CA GLU A 480 -31.80 -29.46 -15.27
CA GLU A 480 -31.79 -29.47 -15.26
C GLU A 480 -31.51 -28.45 -14.16
N GLN A 481 -31.00 -28.95 -13.05
CA GLN A 481 -30.60 -28.11 -11.92
C GLN A 481 -29.12 -28.25 -11.69
N TYR A 482 -28.50 -27.13 -11.33
CA TYR A 482 -27.11 -27.07 -10.93
C TYR A 482 -27.05 -26.62 -9.48
N THR A 483 -26.34 -27.38 -8.65
CA THR A 483 -26.25 -27.09 -7.22
C THR A 483 -24.82 -26.80 -6.82
N LEU A 484 -24.61 -25.66 -6.16
CA LEU A 484 -23.35 -25.35 -5.54
C LEU A 484 -23.49 -25.55 -4.04
N THR A 485 -22.60 -26.36 -3.48
CA THR A 485 -22.50 -26.54 -2.04
C THR A 485 -21.26 -25.78 -1.59
N ILE A 486 -21.46 -24.74 -0.81
CA ILE A 486 -20.40 -23.80 -0.46
C ILE A 486 -20.19 -23.80 1.05
N SER A 487 -18.95 -23.99 1.48
CA SER A 487 -18.53 -23.97 2.87
CA SER A 487 -18.61 -23.90 2.89
C SER A 487 -17.51 -22.86 3.09
N GLN A 488 -17.45 -22.35 4.31
CA GLN A 488 -16.42 -21.39 4.66
C GLN A 488 -15.84 -21.74 6.03
N ARG A 489 -14.58 -21.39 6.21
CA ARG A 489 -13.98 -21.37 7.53
CA ARG A 489 -13.95 -21.43 7.52
C ARG A 489 -12.80 -20.45 7.49
N THR A 490 -12.47 -19.88 8.65
CA THR A 490 -11.26 -19.09 8.79
C THR A 490 -10.39 -19.83 9.80
N PRO A 491 -9.19 -20.24 9.45
CA PRO A 491 -8.30 -20.82 10.45
C PRO A 491 -8.01 -19.84 11.56
N ALA A 492 -7.79 -20.38 12.76
CA ALA A 492 -7.30 -19.55 13.84
C ALA A 492 -6.00 -18.83 13.45
N THR A 493 -5.81 -17.66 14.02
CA THR A 493 -4.63 -16.85 13.85
C THR A 493 -3.99 -16.62 15.21
N PRO A 494 -2.74 -16.16 15.26
CA PRO A 494 -2.07 -16.01 16.56
C PRO A 494 -2.74 -15.02 17.47
N ASP A 495 -3.46 -14.05 16.92
CA ASP A 495 -4.11 -13.00 17.68
C ASP A 495 -5.54 -13.34 18.14
N GLN A 496 -6.15 -14.39 17.55
CA GLN A 496 -7.59 -14.70 17.73
C GLN A 496 -7.80 -16.19 17.68
N ALA A 497 -8.25 -16.76 18.82
CA ALA A 497 -8.60 -18.16 18.88
C ALA A 497 -10.01 -18.42 18.44
N GLU A 498 -10.87 -17.42 18.37
CA GLU A 498 -12.26 -17.62 18.00
C GLU A 498 -12.49 -17.03 16.64
N LYS A 499 -13.02 -17.84 15.74
CA LYS A 499 -13.42 -17.41 14.40
C LYS A 499 -14.87 -17.81 14.15
N GLN A 500 -15.56 -16.97 13.37
CA GLN A 500 -16.96 -17.17 13.02
CA GLN A 500 -16.97 -17.13 13.04
C GLN A 500 -17.16 -16.96 11.53
N PRO A 501 -18.27 -17.48 11.00
CA PRO A 501 -18.57 -17.24 9.57
C PRO A 501 -18.79 -15.78 9.29
N LEU A 502 -18.42 -15.38 8.09
CA LEU A 502 -18.54 -14.02 7.58
C LEU A 502 -19.65 -13.94 6.55
N HIS A 503 -20.07 -12.73 6.25
CA HIS A 503 -20.95 -12.45 5.13
C HIS A 503 -20.08 -12.26 3.89
N ILE A 504 -19.99 -13.32 3.09
CA ILE A 504 -19.08 -13.39 1.95
C ILE A 504 -19.88 -13.16 0.67
N PRO A 505 -19.70 -12.05 -0.04
CA PRO A 505 -20.33 -11.88 -1.37
C PRO A 505 -19.59 -12.71 -2.37
N PHE A 506 -20.26 -13.69 -2.94
CA PHE A 506 -19.61 -14.74 -3.74
C PHE A 506 -20.19 -14.70 -5.16
N ALA A 507 -19.50 -14.01 -6.05
CA ALA A 507 -20.02 -13.75 -7.40
C ALA A 507 -19.72 -14.92 -8.30
N ILE A 508 -20.72 -15.31 -9.13
CA ILE A 508 -20.54 -16.42 -10.03
C ILE A 508 -21.06 -16.05 -11.42
N GLU A 509 -20.61 -16.86 -12.41
CA GLU A 509 -21.18 -16.85 -13.75
CA GLU A 509 -21.13 -16.85 -13.77
C GLU A 509 -21.10 -18.27 -14.28
N LEU A 510 -22.15 -18.70 -14.98
CA LEU A 510 -22.21 -20.06 -15.53
C LEU A 510 -22.18 -20.02 -17.05
N TYR A 511 -21.34 -20.88 -17.65
CA TYR A 511 -21.16 -20.91 -19.11
C TYR A 511 -21.59 -22.23 -19.70
N ASP A 512 -22.31 -22.15 -20.82
CA ASP A 512 -22.63 -23.36 -21.57
C ASP A 512 -21.44 -23.76 -22.46
N ASN A 513 -21.53 -24.85 -23.20
N ASN A 513 -21.66 -24.80 -23.28
CA ASN A 513 -20.30 -25.33 -23.82
CA ASN A 513 -20.61 -25.40 -24.09
C ASN A 513 -19.95 -24.60 -25.10
C ASN A 513 -20.09 -24.44 -25.16
N GLU A 514 -20.72 -23.59 -25.49
N GLU A 514 -20.91 -23.49 -25.57
CA GLU A 514 -20.32 -22.65 -26.53
CA GLU A 514 -20.51 -22.50 -26.56
C GLU A 514 -19.75 -21.37 -25.96
C GLU A 514 -19.95 -21.25 -25.95
N GLY A 515 -19.71 -21.23 -24.62
CA GLY A 515 -19.23 -20.02 -23.99
C GLY A 515 -20.28 -18.96 -23.73
N LYS A 516 -21.56 -19.30 -23.86
CA LYS A 516 -22.62 -18.34 -23.60
CA LYS A 516 -22.64 -18.36 -23.61
C LYS A 516 -23.02 -18.41 -22.14
N VAL A 517 -23.36 -17.25 -21.58
CA VAL A 517 -23.76 -17.17 -20.18
C VAL A 517 -25.13 -17.82 -19.99
N ILE A 518 -25.26 -18.67 -18.98
CA ILE A 518 -26.54 -19.30 -18.63
C ILE A 518 -27.26 -18.42 -17.62
N PRO A 519 -28.47 -17.95 -17.89
CA PRO A 519 -29.17 -17.11 -16.90
C PRO A 519 -29.38 -17.86 -15.59
N LEU A 520 -29.13 -17.16 -14.49
CA LEU A 520 -29.31 -17.70 -13.15
C LEU A 520 -30.73 -17.47 -12.69
N GLN A 521 -31.43 -18.56 -12.36
CA GLN A 521 -32.81 -18.44 -11.93
C GLN A 521 -33.14 -19.64 -11.05
N LYS A 522 -34.23 -19.50 -10.30
CA LYS A 522 -34.75 -20.58 -9.48
CA LYS A 522 -34.74 -20.57 -9.46
C LYS A 522 -36.22 -20.34 -9.26
N GLY A 523 -37.02 -21.38 -9.48
CA GLY A 523 -38.46 -21.30 -9.23
C GLY A 523 -39.18 -20.24 -10.06
N GLY A 524 -38.69 -19.97 -11.26
CA GLY A 524 -39.33 -18.98 -12.11
C GLY A 524 -38.87 -17.55 -11.89
N HIS A 525 -37.89 -17.34 -11.01
CA HIS A 525 -37.41 -15.99 -10.73
C HIS A 525 -35.92 -15.87 -10.96
N PRO A 526 -35.45 -14.73 -11.46
CA PRO A 526 -34.00 -14.52 -11.57
C PRO A 526 -33.37 -14.54 -10.19
N VAL A 527 -32.12 -14.99 -10.15
CA VAL A 527 -31.30 -15.02 -8.95
C VAL A 527 -30.09 -14.12 -9.21
N ASN A 528 -29.76 -13.27 -8.24
CA ASN A 528 -28.61 -12.39 -8.35
C ASN A 528 -27.33 -13.21 -8.44
N SER A 529 -26.39 -12.77 -9.27
CA SER A 529 -25.14 -13.50 -9.43
C SER A 529 -24.19 -13.35 -8.24
N VAL A 530 -24.46 -12.40 -7.33
CA VAL A 530 -23.69 -12.31 -6.09
C VAL A 530 -24.44 -13.14 -5.05
N LEU A 531 -23.88 -14.31 -4.74
CA LEU A 531 -24.46 -15.19 -3.74
C LEU A 531 -24.03 -14.74 -2.36
N ASN A 532 -24.98 -14.74 -1.43
CA ASN A 532 -24.68 -14.36 -0.04
C ASN A 532 -24.30 -15.60 0.76
N VAL A 533 -22.99 -15.82 0.88
CA VAL A 533 -22.45 -16.96 1.59
C VAL A 533 -22.26 -16.51 3.03
N THR A 534 -23.23 -16.84 3.88
CA THR A 534 -23.28 -16.33 5.25
C THR A 534 -23.15 -17.40 6.33
N GLN A 535 -23.21 -18.67 5.96
N GLN A 535 -23.21 -18.67 5.95
CA GLN A 535 -23.17 -19.77 6.92
CA GLN A 535 -23.20 -19.81 6.85
C GLN A 535 -21.92 -20.60 6.72
C GLN A 535 -21.90 -20.58 6.73
N ALA A 536 -21.66 -21.47 7.69
CA ALA A 536 -20.53 -22.38 7.57
C ALA A 536 -20.69 -23.28 6.36
N GLU A 537 -21.92 -23.67 6.05
CA GLU A 537 -22.21 -24.48 4.88
CA GLU A 537 -22.22 -24.53 4.92
CA GLU A 537 -22.26 -24.61 4.98
C GLU A 537 -23.61 -24.17 4.39
N GLN A 538 -23.76 -24.08 3.08
N GLN A 538 -23.77 -24.21 3.07
CA GLN A 538 -25.07 -23.84 2.49
CA GLN A 538 -24.95 -23.64 2.43
C GLN A 538 -25.08 -24.37 1.06
C GLN A 538 -25.00 -24.14 0.99
N THR A 539 -26.28 -24.35 0.47
N THR A 539 -26.18 -24.54 0.52
CA THR A 539 -26.53 -24.93 -0.85
CA THR A 539 -26.33 -24.83 -0.89
C THR A 539 -27.30 -23.90 -1.68
C THR A 539 -27.07 -23.70 -1.61
N PHE A 540 -26.86 -23.68 -2.91
CA PHE A 540 -27.53 -22.79 -3.84
C PHE A 540 -27.93 -23.63 -5.04
N VAL A 541 -29.22 -23.60 -5.38
CA VAL A 541 -29.76 -24.40 -6.47
C VAL A 541 -30.22 -23.46 -7.58
N PHE A 542 -29.82 -23.77 -8.81
CA PHE A 542 -30.20 -23.02 -10.00
C PHE A 542 -30.96 -23.95 -10.92
N ASP A 543 -32.08 -23.43 -11.45
N ASP A 543 -32.05 -23.47 -11.53
CA ASP A 543 -32.99 -24.16 -12.32
CA ASP A 543 -32.80 -24.35 -12.41
C ASP A 543 -32.72 -23.78 -13.77
C ASP A 543 -32.84 -23.76 -13.81
N ASN A 544 -33.38 -24.51 -14.67
N ASN A 544 -33.42 -24.54 -14.72
CA ASN A 544 -33.33 -24.20 -16.10
CA ASN A 544 -33.33 -24.25 -16.15
C ASN A 544 -31.89 -24.14 -16.58
C ASN A 544 -31.87 -24.05 -16.55
N VAL A 545 -31.06 -25.03 -16.04
N VAL A 545 -31.03 -24.95 -16.06
CA VAL A 545 -29.69 -25.19 -16.50
CA VAL A 545 -29.63 -25.00 -16.46
C VAL A 545 -29.73 -26.41 -17.41
C VAL A 545 -29.59 -26.05 -17.57
N TYR A 546 -29.81 -26.15 -18.72
N TYR A 546 -29.72 -25.59 -18.81
CA TYR A 546 -30.14 -27.19 -19.71
CA TYR A 546 -29.94 -26.46 -19.96
C TYR A 546 -28.94 -27.98 -20.15
C TYR A 546 -28.71 -27.22 -20.39
N PHE A 547 -27.74 -27.44 -19.99
N PHE A 547 -27.56 -26.98 -19.78
CA PHE A 547 -26.50 -28.14 -20.27
CA PHE A 547 -26.34 -27.69 -20.12
C PHE A 547 -25.59 -27.99 -19.06
C PHE A 547 -25.44 -27.71 -18.90
N GLN A 548 -24.69 -28.95 -18.89
N GLN A 548 -24.66 -28.78 -18.76
CA GLN A 548 -23.73 -28.88 -17.80
CA GLN A 548 -23.70 -28.88 -17.66
C GLN A 548 -22.94 -27.59 -17.92
C GLN A 548 -22.74 -27.70 -17.73
N PRO A 549 -22.79 -26.81 -16.85
N PRO A 549 -22.83 -26.75 -16.79
CA PRO A 549 -22.06 -25.55 -16.93
CA PRO A 549 -22.08 -25.50 -16.92
C PRO A 549 -20.59 -25.67 -16.59
C PRO A 549 -20.61 -25.65 -16.55
N VAL A 550 -19.81 -24.74 -17.10
CA VAL A 550 -18.48 -24.43 -16.58
C VAL A 550 -18.66 -23.18 -15.73
N PRO A 551 -18.37 -23.24 -14.44
CA PRO A 551 -18.56 -22.06 -13.60
C PRO A 551 -17.34 -21.16 -13.59
N ALA A 552 -17.60 -19.87 -13.54
CA ALA A 552 -16.61 -18.90 -13.09
C ALA A 552 -16.97 -18.54 -11.65
N LEU A 553 -16.02 -18.67 -10.74
CA LEU A 553 -16.31 -18.54 -9.33
C LEU A 553 -15.49 -17.41 -8.72
N LEU A 554 -16.05 -16.74 -7.71
CA LEU A 554 -15.42 -15.59 -7.05
C LEU A 554 -15.01 -14.54 -8.08
N CYS A 555 -15.97 -14.20 -8.93
CA CYS A 555 -15.73 -13.28 -10.04
C CYS A 555 -15.25 -11.92 -9.52
N GLU A 556 -14.30 -11.35 -10.25
CA GLU A 556 -13.62 -10.10 -9.91
CA GLU A 556 -13.72 -10.07 -9.86
C GLU A 556 -13.10 -10.12 -8.47
N PHE A 557 -12.73 -11.33 -7.98
CA PHE A 557 -12.25 -11.52 -6.59
C PHE A 557 -13.23 -10.83 -5.64
N SER A 558 -14.47 -11.33 -5.65
CA SER A 558 -15.56 -10.60 -5.03
C SER A 558 -15.50 -10.60 -3.51
N ALA A 559 -14.67 -11.43 -2.91
CA ALA A 559 -14.41 -11.36 -1.47
C ALA A 559 -12.96 -11.79 -1.27
N PRO A 560 -12.30 -11.33 -0.19
CA PRO A 560 -10.85 -11.59 -0.06
C PRO A 560 -10.63 -12.92 0.64
N VAL A 561 -10.78 -13.98 -0.15
CA VAL A 561 -10.80 -15.34 0.35
C VAL A 561 -9.96 -16.24 -0.57
N LYS A 562 -9.57 -17.39 0.00
CA LYS A 562 -9.01 -18.50 -0.72
C LYS A 562 -10.15 -19.38 -1.23
N LEU A 563 -10.10 -19.76 -2.49
CA LEU A 563 -11.12 -20.57 -3.11
C LEU A 563 -10.59 -21.98 -3.32
N GLU A 564 -11.34 -22.97 -2.85
CA GLU A 564 -11.02 -24.38 -3.07
CA GLU A 564 -10.99 -24.36 -3.10
C GLU A 564 -12.11 -24.98 -3.93
N TYR A 565 -11.79 -25.24 -5.19
CA TYR A 565 -12.71 -25.89 -6.11
C TYR A 565 -11.84 -26.79 -6.98
N LYS A 566 -12.31 -28.00 -7.30
CA LYS A 566 -11.47 -28.98 -8.00
CA LYS A 566 -11.48 -28.98 -7.99
C LYS A 566 -11.61 -28.81 -9.51
N TRP A 567 -11.02 -27.72 -10.00
CA TRP A 567 -10.97 -27.43 -11.44
C TRP A 567 -10.29 -28.56 -12.22
N SER A 568 -10.82 -28.87 -13.40
CA SER A 568 -10.05 -29.59 -14.40
C SER A 568 -9.25 -28.58 -15.21
N ASP A 569 -8.15 -29.03 -15.79
CA ASP A 569 -7.36 -28.15 -16.65
C ASP A 569 -8.22 -27.61 -17.78
N GLN A 570 -9.14 -28.43 -18.30
CA GLN A 570 -9.91 -28.01 -19.45
CA GLN A 570 -10.00 -28.09 -19.44
C GLN A 570 -11.00 -27.01 -19.06
N GLN A 571 -11.53 -27.07 -17.84
CA GLN A 571 -12.42 -25.99 -17.42
C GLN A 571 -11.66 -24.67 -17.43
N LEU A 572 -10.43 -24.70 -16.94
CA LEU A 572 -9.64 -23.49 -16.82
C LEU A 572 -9.24 -22.94 -18.18
N THR A 573 -8.81 -23.81 -19.11
CA THR A 573 -8.47 -23.27 -20.44
C THR A 573 -9.73 -22.82 -21.17
N PHE A 574 -10.87 -23.46 -20.92
CA PHE A 574 -12.14 -22.95 -21.44
C PHE A 574 -12.39 -21.52 -20.95
N LEU A 575 -12.22 -21.28 -19.65
CA LEU A 575 -12.45 -19.93 -19.12
C LEU A 575 -11.45 -18.93 -19.71
N MET A 576 -10.21 -19.37 -19.94
CA MET A 576 -9.23 -18.50 -20.54
C MET A 576 -9.68 -18.03 -21.92
N ARG A 577 -10.43 -18.87 -22.61
CA ARG A 577 -10.90 -18.54 -23.96
C ARG A 577 -12.24 -17.82 -23.94
N HIS A 578 -13.11 -18.10 -22.98
CA HIS A 578 -14.51 -17.69 -23.08
C HIS A 578 -15.03 -16.78 -21.98
N ALA A 579 -14.37 -16.67 -20.84
CA ALA A 579 -14.96 -15.90 -19.77
C ALA A 579 -15.18 -14.47 -20.20
N ARG A 580 -16.32 -13.90 -19.79
CA ARG A 580 -16.72 -12.57 -20.24
CA ARG A 580 -16.70 -12.58 -20.27
C ARG A 580 -15.85 -11.48 -19.65
N ASN A 581 -15.49 -11.59 -18.37
CA ASN A 581 -14.68 -10.56 -17.73
C ASN A 581 -13.21 -10.92 -17.85
N ASP A 582 -12.42 -9.94 -18.31
CA ASP A 582 -10.99 -10.16 -18.46
C ASP A 582 -10.37 -10.68 -17.18
N PHE A 583 -10.83 -10.23 -16.02
CA PHE A 583 -10.22 -10.71 -14.79
C PHE A 583 -10.34 -12.22 -14.66
N SER A 584 -11.50 -12.77 -15.04
CA SER A 584 -11.72 -14.22 -14.93
C SER A 584 -10.76 -15.01 -15.81
N ARG A 585 -10.44 -14.46 -16.98
CA ARG A 585 -9.51 -15.16 -17.87
CA ARG A 585 -9.50 -15.14 -17.87
C ARG A 585 -8.12 -15.24 -17.24
N TRP A 586 -7.66 -14.15 -16.63
CA TRP A 586 -6.38 -14.15 -15.92
C TRP A 586 -6.43 -15.07 -14.72
N ASP A 587 -7.51 -15.02 -13.96
CA ASP A 587 -7.63 -15.83 -12.76
C ASP A 587 -7.61 -17.32 -13.09
N ALA A 588 -8.27 -17.71 -14.17
CA ALA A 588 -8.24 -19.10 -14.60
C ALA A 588 -6.83 -19.54 -14.95
N ALA A 589 -6.08 -18.67 -15.60
CA ALA A 589 -4.67 -18.97 -15.89
C ALA A 589 -3.88 -19.16 -14.61
N GLN A 590 -4.18 -18.38 -13.59
CA GLN A 590 -3.48 -18.52 -12.32
C GLN A 590 -3.77 -19.86 -11.68
N SER A 591 -5.03 -20.30 -11.73
CA SER A 591 -5.38 -21.61 -11.18
C SER A 591 -4.70 -22.72 -11.95
N LEU A 592 -4.61 -22.55 -13.26
CA LEU A 592 -3.96 -23.56 -14.09
C LEU A 592 -2.49 -23.66 -13.74
N LEU A 593 -1.81 -22.52 -13.62
CA LEU A 593 -0.40 -22.54 -13.26
C LEU A 593 -0.17 -23.10 -11.88
N ALA A 594 -1.07 -22.78 -10.93
CA ALA A 594 -0.84 -23.17 -9.54
C ALA A 594 -0.60 -24.67 -9.42
N THR A 595 -1.41 -25.47 -10.10
CA THR A 595 -1.25 -26.92 -10.07
C THR A 595 0.17 -27.35 -10.43
N TYR A 596 0.72 -26.73 -11.49
CA TYR A 596 2.00 -27.18 -12.00
C TYR A 596 3.17 -26.51 -11.30
N ILE A 597 2.96 -25.35 -10.67
CA ILE A 597 3.95 -24.81 -9.75
C ILE A 597 4.12 -25.76 -8.56
N LYS A 598 2.99 -26.20 -8.00
CA LYS A 598 3.05 -27.12 -6.86
C LYS A 598 3.70 -28.43 -7.27
N LEU A 599 3.30 -28.97 -8.42
CA LEU A 599 3.91 -30.19 -8.93
C LEU A 599 5.42 -30.06 -8.99
N ASN A 600 5.89 -28.96 -9.60
CA ASN A 600 7.30 -28.86 -9.92
C ASN A 600 8.15 -28.43 -8.72
N VAL A 601 7.56 -27.79 -7.71
CA VAL A 601 8.32 -27.60 -6.47
C VAL A 601 8.57 -28.94 -5.78
N ALA A 602 7.55 -29.81 -5.74
CA ALA A 602 7.74 -31.15 -5.17
C ALA A 602 8.79 -31.91 -5.95
N ARG A 603 8.77 -31.79 -7.29
CA ARG A 603 9.80 -32.43 -8.10
C ARG A 603 11.18 -31.88 -7.79
N HIS A 604 11.31 -30.55 -7.68
CA HIS A 604 12.61 -29.96 -7.38
C HIS A 604 13.20 -30.53 -6.10
N GLN A 605 12.37 -30.66 -5.07
CA GLN A 605 12.84 -31.18 -3.79
C GLN A 605 13.30 -32.63 -3.90
N GLN A 606 12.87 -33.36 -4.94
CA GLN A 606 13.36 -34.71 -5.13
CA GLN A 606 13.26 -34.73 -5.24
C GLN A 606 14.39 -34.79 -6.26
N GLY A 607 14.90 -33.64 -6.70
CA GLY A 607 15.96 -33.60 -7.69
C GLY A 607 15.51 -33.85 -9.10
N GLN A 608 14.26 -33.59 -9.40
CA GLN A 608 13.69 -33.96 -10.68
CA GLN A 608 13.73 -33.94 -10.70
C GLN A 608 13.40 -32.69 -11.48
N PRO A 609 13.56 -32.75 -12.79
CA PRO A 609 13.35 -31.58 -13.62
C PRO A 609 11.88 -31.28 -13.88
N LEU A 610 11.66 -30.09 -14.42
CA LEU A 610 10.32 -29.61 -14.68
C LEU A 610 9.54 -30.57 -15.57
N SER A 611 8.27 -30.74 -15.24
CA SER A 611 7.31 -31.51 -16.03
C SER A 611 6.05 -30.66 -16.22
N LEU A 612 5.60 -30.52 -17.46
CA LEU A 612 4.47 -29.66 -17.76
C LEU A 612 3.71 -30.26 -18.93
N PRO A 613 2.42 -30.57 -18.79
CA PRO A 613 1.69 -31.12 -19.93
C PRO A 613 1.70 -30.14 -21.10
N VAL A 614 1.77 -30.72 -22.29
CA VAL A 614 1.72 -29.95 -23.53
CA VAL A 614 1.73 -29.94 -23.53
C VAL A 614 0.54 -28.99 -23.55
N HIS A 615 -0.61 -29.44 -23.08
CA HIS A 615 -1.80 -28.61 -23.23
C HIS A 615 -1.74 -27.35 -22.36
N VAL A 616 -0.86 -27.30 -21.35
CA VAL A 616 -0.68 -26.06 -20.60
C VAL A 616 0.07 -25.03 -21.44
N ALA A 617 1.22 -25.41 -21.99
CA ALA A 617 1.91 -24.49 -22.91
C ALA A 617 1.00 -24.01 -24.02
N ASP A 618 0.17 -24.91 -24.54
CA ASP A 618 -0.71 -24.52 -25.63
C ASP A 618 -1.72 -23.47 -25.22
N ALA A 619 -2.16 -23.47 -23.96
CA ALA A 619 -3.07 -22.41 -23.51
C ALA A 619 -2.42 -21.04 -23.59
N PHE A 620 -1.12 -20.95 -23.24
CA PHE A 620 -0.42 -19.68 -23.35
C PHE A 620 -0.07 -19.34 -24.79
N ARG A 621 0.20 -20.35 -25.60
CA ARG A 621 0.35 -20.11 -27.05
C ARG A 621 -0.91 -19.47 -27.61
N ALA A 622 -2.08 -19.95 -27.19
CA ALA A 622 -3.31 -19.40 -27.72
C ALA A 622 -3.49 -17.94 -27.29
N VAL A 623 -3.08 -17.59 -26.06
CA VAL A 623 -3.14 -16.19 -25.62
C VAL A 623 -2.26 -15.32 -26.52
N LEU A 624 -1.04 -15.77 -26.81
CA LEU A 624 -0.16 -15.00 -27.69
C LEU A 624 -0.76 -14.77 -29.07
N LEU A 625 -1.45 -15.77 -29.60
CA LEU A 625 -1.94 -15.72 -30.97
C LEU A 625 -3.36 -15.19 -31.09
N ASP A 626 -4.03 -14.86 -29.99
CA ASP A 626 -5.41 -14.41 -30.04
C ASP A 626 -5.43 -12.92 -30.36
N GLU A 627 -5.87 -12.59 -31.56
CA GLU A 627 -5.88 -11.20 -31.97
CA GLU A 627 -5.92 -11.21 -32.01
C GLU A 627 -6.97 -10.39 -31.27
N LYS A 628 -7.97 -11.03 -30.66
CA LYS A 628 -9.05 -10.27 -30.07
CA LYS A 628 -9.08 -10.33 -30.05
C LYS A 628 -8.83 -9.95 -28.59
N ILE A 629 -7.84 -10.51 -27.95
CA ILE A 629 -7.60 -10.24 -26.54
CA ILE A 629 -7.58 -10.24 -26.53
C ILE A 629 -6.92 -8.89 -26.39
N ASP A 630 -7.35 -8.15 -25.39
CA ASP A 630 -6.72 -6.88 -25.05
C ASP A 630 -5.25 -7.13 -24.72
N PRO A 631 -4.32 -6.46 -25.38
CA PRO A 631 -2.89 -6.65 -25.03
C PRO A 631 -2.64 -6.45 -23.56
N ALA A 632 -3.38 -5.56 -22.89
CA ALA A 632 -3.19 -5.34 -21.46
C ALA A 632 -3.43 -6.63 -20.67
N LEU A 633 -4.46 -7.37 -21.06
CA LEU A 633 -4.77 -8.64 -20.39
C LEU A 633 -3.75 -9.72 -20.76
N ALA A 634 -3.45 -9.84 -22.07
CA ALA A 634 -2.48 -10.83 -22.49
C ALA A 634 -1.16 -10.67 -21.73
N ALA A 635 -0.72 -9.42 -21.55
CA ALA A 635 0.53 -9.17 -20.84
C ALA A 635 0.49 -9.72 -19.43
N GLU A 636 -0.64 -9.57 -18.74
CA GLU A 636 -0.74 -10.06 -17.36
CA GLU A 636 -0.70 -10.05 -17.37
C GLU A 636 -0.82 -11.57 -17.31
N ILE A 637 -1.55 -12.19 -18.26
CA ILE A 637 -1.58 -13.64 -18.32
C ILE A 637 -0.17 -14.20 -18.57
N LEU A 638 0.64 -13.48 -19.35
CA LEU A 638 2.01 -13.88 -19.66
C LEU A 638 3.02 -13.39 -18.63
N THR A 639 2.56 -12.87 -17.50
CA THR A 639 3.44 -12.49 -16.39
C THR A 639 3.25 -13.54 -15.29
N LEU A 640 4.27 -14.36 -15.07
CA LEU A 640 4.16 -15.42 -14.11
C LEU A 640 4.03 -14.86 -12.68
N PRO A 641 3.36 -15.58 -11.81
CA PRO A 641 3.29 -15.19 -10.39
C PRO A 641 4.68 -14.95 -9.82
N SER A 642 4.80 -13.93 -8.96
CA SER A 642 6.05 -13.63 -8.29
C SER A 642 6.40 -14.75 -7.30
N VAL A 643 7.63 -14.74 -6.79
CA VAL A 643 8.02 -15.75 -5.80
C VAL A 643 7.22 -15.59 -4.53
N ASN A 644 6.77 -14.37 -4.22
CA ASN A 644 5.92 -14.21 -3.04
C ASN A 644 4.50 -14.72 -3.29
N GLU A 645 3.94 -14.51 -4.48
CA GLU A 645 2.68 -15.15 -4.83
C GLU A 645 2.78 -16.67 -4.78
N MET A 646 3.88 -17.22 -5.31
N MET A 646 3.88 -17.22 -5.31
CA MET A 646 4.06 -18.66 -5.31
CA MET A 646 4.06 -18.66 -5.31
C MET A 646 4.14 -19.22 -3.91
C MET A 646 4.14 -19.22 -3.91
N ALA A 647 4.78 -18.49 -2.99
CA ALA A 647 4.94 -19.00 -1.63
C ALA A 647 3.60 -19.30 -0.97
N GLU A 648 2.59 -18.49 -1.27
CA GLU A 648 1.29 -18.64 -0.62
C GLU A 648 0.59 -19.92 -1.07
N LEU A 649 1.10 -20.62 -2.09
CA LEU A 649 0.55 -21.92 -2.45
C LEU A 649 0.97 -23.05 -1.53
N PHE A 650 1.92 -22.82 -0.63
CA PHE A 650 2.58 -23.90 0.09
C PHE A 650 2.41 -23.80 1.59
N ASP A 651 2.25 -24.97 2.21
CA ASP A 651 2.23 -25.09 3.68
C ASP A 651 3.56 -24.74 4.30
N ILE A 652 4.64 -25.19 3.71
CA ILE A 652 5.98 -24.85 4.16
CA ILE A 652 6.00 -24.88 4.16
C ILE A 652 6.70 -24.27 2.96
N ILE A 653 7.22 -23.07 3.12
CA ILE A 653 7.86 -22.39 1.99
C ILE A 653 9.26 -22.94 1.80
N ASP A 654 9.56 -23.39 0.58
CA ASP A 654 10.91 -23.71 0.15
C ASP A 654 11.33 -22.66 -0.85
N PRO A 655 12.00 -21.59 -0.42
CA PRO A 655 12.22 -20.45 -1.33
C PRO A 655 13.21 -20.75 -2.42
N ILE A 656 14.12 -21.70 -2.20
CA ILE A 656 15.04 -22.05 -3.27
C ILE A 656 14.31 -22.83 -4.35
N ALA A 657 13.50 -23.83 -3.97
CA ALA A 657 12.71 -24.54 -4.97
C ALA A 657 11.80 -23.60 -5.75
N ILE A 658 11.15 -22.67 -5.05
CA ILE A 658 10.22 -21.76 -5.72
C ILE A 658 10.96 -20.93 -6.76
N ALA A 659 12.12 -20.39 -6.39
CA ALA A 659 12.86 -19.53 -7.33
C ALA A 659 13.34 -20.33 -8.53
N GLU A 660 13.81 -21.54 -8.28
N GLU A 660 13.88 -21.52 -8.27
CA GLU A 660 14.37 -22.33 -9.36
CA GLU A 660 14.36 -22.35 -9.36
C GLU A 660 13.28 -22.94 -10.25
C GLU A 660 13.21 -22.75 -10.28
N VAL A 661 12.10 -23.18 -9.69
CA VAL A 661 10.96 -23.61 -10.51
C VAL A 661 10.44 -22.45 -11.35
N ARG A 662 10.42 -21.23 -10.78
CA ARG A 662 9.97 -20.08 -11.56
C ARG A 662 10.87 -19.88 -12.77
N GLU A 663 12.18 -20.00 -12.57
CA GLU A 663 13.10 -19.88 -13.71
C GLU A 663 12.90 -21.02 -14.71
N ALA A 664 12.76 -22.24 -14.21
CA ALA A 664 12.61 -23.38 -15.11
C ALA A 664 11.32 -23.29 -15.91
N LEU A 665 10.24 -22.83 -15.27
CA LEU A 665 8.98 -22.62 -15.98
C LEU A 665 9.15 -21.57 -17.07
N THR A 666 9.83 -20.49 -16.73
CA THR A 666 10.11 -19.44 -17.71
C THR A 666 10.89 -20.02 -18.89
N ARG A 667 11.93 -20.81 -18.61
CA ARG A 667 12.75 -21.42 -19.67
C ARG A 667 11.94 -22.37 -20.54
N THR A 668 11.10 -23.19 -19.93
CA THR A 668 10.32 -24.16 -20.70
C THR A 668 9.36 -23.43 -21.63
N LEU A 669 8.64 -22.42 -21.12
CA LEU A 669 7.74 -21.65 -21.96
C LEU A 669 8.50 -20.89 -23.04
N ALA A 670 9.67 -20.35 -22.71
CA ALA A 670 10.48 -19.66 -23.71
C ALA A 670 10.86 -20.60 -24.86
N THR A 671 11.22 -21.84 -24.54
CA THR A 671 11.58 -22.78 -25.60
C THR A 671 10.36 -23.21 -26.39
N GLU A 672 9.27 -23.58 -25.72
CA GLU A 672 8.09 -24.06 -26.42
CA GLU A 672 8.10 -24.06 -26.42
C GLU A 672 7.43 -22.97 -27.25
N LEU A 673 7.50 -21.72 -26.80
CA LEU A 673 6.78 -20.62 -27.46
C LEU A 673 7.71 -19.66 -28.19
N ALA A 674 8.94 -20.09 -28.48
CA ALA A 674 9.97 -19.17 -28.98
C ALA A 674 9.53 -18.38 -30.22
N ASP A 675 8.90 -19.05 -31.18
CA ASP A 675 8.56 -18.35 -32.43
C ASP A 675 7.44 -17.36 -32.19
N GLU A 676 6.41 -17.79 -31.42
CA GLU A 676 5.28 -16.92 -31.15
C GLU A 676 5.71 -15.72 -30.31
N LEU A 677 6.54 -15.96 -29.29
CA LEU A 677 7.02 -14.85 -28.47
C LEU A 677 7.74 -13.80 -29.31
N LEU A 678 8.60 -14.23 -30.23
CA LEU A 678 9.33 -13.27 -31.03
C LEU A 678 8.40 -12.52 -31.98
N ALA A 679 7.44 -13.23 -32.56
CA ALA A 679 6.49 -12.58 -33.45
C ALA A 679 5.71 -11.49 -32.70
N ILE A 680 5.25 -11.79 -31.48
CA ILE A 680 4.46 -10.80 -30.75
C ILE A 680 5.35 -9.67 -30.23
N TYR A 681 6.58 -9.98 -29.81
CA TYR A 681 7.54 -8.95 -29.46
C TYR A 681 7.70 -7.95 -30.61
N ASN A 682 7.91 -8.45 -31.83
CA ASN A 682 8.13 -7.56 -32.95
C ASN A 682 6.86 -6.80 -33.32
N ALA A 683 5.71 -7.49 -33.27
CA ALA A 683 4.46 -6.86 -33.67
C ALA A 683 4.09 -5.69 -32.77
N ASN A 684 4.57 -5.66 -31.54
CA ASN A 684 4.17 -4.62 -30.61
C ASN A 684 5.23 -3.55 -30.45
N TYR A 685 6.22 -3.56 -31.32
CA TYR A 685 7.16 -2.44 -31.39
C TYR A 685 6.43 -1.11 -31.61
N GLN A 686 6.87 -0.08 -30.89
CA GLN A 686 6.34 1.29 -30.98
C GLN A 686 7.52 2.25 -31.09
N SER A 687 7.59 3.00 -32.21
CA SER A 687 8.70 3.95 -32.32
C SER A 687 8.43 5.22 -31.51
N GLU A 688 7.19 5.69 -31.43
CA GLU A 688 6.85 6.83 -30.58
C GLU A 688 6.64 6.32 -29.15
N TYR A 689 7.14 7.06 -28.17
CA TYR A 689 6.84 6.78 -26.77
C TYR A 689 5.76 7.74 -26.27
N ARG A 690 4.69 7.18 -25.72
CA ARG A 690 3.60 7.96 -25.12
C ARG A 690 3.16 7.32 -23.81
N VAL A 691 2.88 8.16 -22.83
CA VAL A 691 2.26 7.71 -21.57
C VAL A 691 0.76 7.74 -21.82
N GLU A 692 0.29 6.73 -22.54
CA GLU A 692 -1.10 6.56 -22.91
C GLU A 692 -1.42 5.09 -22.73
N HIS A 693 -2.62 4.80 -22.23
CA HIS A 693 -2.92 3.45 -21.77
C HIS A 693 -2.84 2.39 -22.87
N GLU A 694 -3.24 2.71 -24.12
CA GLU A 694 -3.12 1.70 -25.16
CA GLU A 694 -3.12 1.74 -25.20
C GLU A 694 -1.66 1.41 -25.47
N ASP A 695 -0.81 2.45 -25.48
CA ASP A 695 0.62 2.27 -25.72
C ASP A 695 1.28 1.52 -24.57
N ILE A 696 0.89 1.86 -23.33
CA ILE A 696 1.44 1.17 -22.17
C ILE A 696 1.11 -0.31 -22.27
N ALA A 697 -0.11 -0.65 -22.68
CA ALA A 697 -0.49 -2.05 -22.77
C ALA A 697 0.35 -2.79 -23.80
N LYS A 698 0.55 -2.20 -25.00
CA LYS A 698 1.37 -2.86 -26.00
C LYS A 698 2.80 -3.06 -25.50
N ARG A 699 3.33 -2.05 -24.80
CA ARG A 699 4.67 -2.15 -24.28
C ARG A 699 4.75 -3.21 -23.19
N THR A 700 3.71 -3.33 -22.34
CA THR A 700 3.76 -4.32 -21.30
CA THR A 700 3.75 -4.35 -21.30
C THR A 700 3.73 -5.74 -21.92
N LEU A 701 2.99 -5.91 -23.03
CA LEU A 701 2.95 -7.20 -23.71
C LEU A 701 4.32 -7.49 -24.35
N ARG A 702 4.87 -6.51 -25.06
CA ARG A 702 6.16 -6.68 -25.70
C ARG A 702 7.22 -7.06 -24.68
N ASN A 703 7.24 -6.36 -23.53
CA ASN A 703 8.25 -6.65 -22.53
C ASN A 703 7.94 -7.92 -21.74
N ALA A 704 6.69 -8.35 -21.67
CA ALA A 704 6.40 -9.68 -21.12
C ALA A 704 7.00 -10.74 -22.01
N CYS A 705 6.94 -10.54 -23.32
CA CYS A 705 7.56 -11.49 -24.23
C CYS A 705 9.08 -11.48 -24.08
N LEU A 706 9.66 -10.27 -23.94
CA LEU A 706 11.11 -10.14 -23.77
C LEU A 706 11.60 -10.98 -22.59
N ARG A 707 10.85 -10.98 -21.48
CA ARG A 707 11.29 -11.76 -20.32
C ARG A 707 11.54 -13.22 -20.70
N PHE A 708 10.62 -13.80 -21.46
CA PHE A 708 10.81 -15.18 -21.90
C PHE A 708 11.93 -15.28 -22.93
N LEU A 709 11.95 -14.34 -23.90
CA LEU A 709 12.98 -14.42 -24.94
C LEU A 709 14.38 -14.31 -24.35
N ALA A 710 14.52 -13.64 -23.21
CA ALA A 710 15.82 -13.57 -22.55
C ALA A 710 16.35 -14.93 -22.15
N PHE A 711 15.49 -15.93 -22.01
CA PHE A 711 15.88 -17.31 -21.72
C PHE A 711 15.93 -18.19 -22.97
N GLY A 712 15.94 -17.60 -24.16
CA GLY A 712 16.18 -18.34 -25.39
C GLY A 712 17.64 -18.71 -25.53
N GLU A 713 17.99 -19.25 -26.70
CA GLU A 713 19.38 -19.54 -26.98
CA GLU A 713 19.37 -19.55 -26.98
C GLU A 713 20.22 -18.32 -26.66
N THR A 714 21.35 -18.55 -26.02
CA THR A 714 22.08 -17.45 -25.38
C THR A 714 22.43 -16.35 -26.37
N HIS A 715 22.94 -16.72 -27.55
CA HIS A 715 23.41 -15.66 -28.43
CA HIS A 715 23.41 -15.71 -28.50
C HIS A 715 22.25 -14.84 -28.98
N LEU A 716 21.12 -15.48 -29.34
CA LEU A 716 19.95 -14.70 -29.76
C LEU A 716 19.48 -13.77 -28.64
N ALA A 717 19.37 -14.32 -27.44
CA ALA A 717 18.86 -13.55 -26.30
C ALA A 717 19.76 -12.37 -26.00
N ASP A 718 21.08 -12.59 -25.99
CA ASP A 718 22.01 -11.54 -25.60
C ASP A 718 21.90 -10.38 -26.56
N VAL A 719 21.81 -10.69 -27.86
CA VAL A 719 21.71 -9.66 -28.89
C VAL A 719 20.40 -8.89 -28.74
N LEU A 720 19.30 -9.61 -28.58
CA LEU A 720 17.99 -8.96 -28.49
C LEU A 720 17.92 -8.03 -27.30
N VAL A 721 18.38 -8.52 -26.15
CA VAL A 721 18.30 -7.74 -24.91
C VAL A 721 19.21 -6.53 -24.98
N SER A 722 20.46 -6.71 -25.40
CA SER A 722 21.39 -5.58 -25.46
CA SER A 722 21.37 -5.57 -25.43
C SER A 722 20.91 -4.53 -26.45
N LYS A 723 20.37 -4.97 -27.59
CA LYS A 723 19.81 -4.03 -28.57
CA LYS A 723 19.81 -4.04 -28.57
C LYS A 723 18.69 -3.21 -27.97
N GLN A 724 17.77 -3.86 -27.24
CA GLN A 724 16.67 -3.08 -26.69
C GLN A 724 17.19 -2.07 -25.68
N PHE A 725 18.17 -2.46 -24.86
CA PHE A 725 18.71 -1.52 -23.88
C PHE A 725 19.31 -0.30 -24.57
N HIS A 726 20.10 -0.53 -25.65
CA HIS A 726 20.82 0.56 -26.28
C HIS A 726 19.93 1.40 -27.18
N GLU A 727 18.89 0.82 -27.75
CA GLU A 727 17.99 1.54 -28.66
C GLU A 727 16.78 2.15 -27.97
N ALA A 728 16.52 1.79 -26.72
CA ALA A 728 15.38 2.33 -26.00
C ALA A 728 15.34 3.84 -26.02
N ASN A 729 14.18 4.42 -26.30
CA ASN A 729 13.99 5.86 -26.20
C ASN A 729 13.18 6.24 -24.97
N ASN A 730 13.12 5.35 -23.99
CA ASN A 730 12.37 5.56 -22.76
C ASN A 730 12.88 4.59 -21.72
N MET A 731 12.67 4.93 -20.44
CA MET A 731 13.22 4.08 -19.37
C MET A 731 12.43 2.79 -19.21
N THR A 732 11.15 2.74 -19.60
CA THR A 732 10.43 1.47 -19.50
C THR A 732 11.16 0.38 -20.27
N ASP A 733 11.49 0.66 -21.53
CA ASP A 733 12.10 -0.36 -22.36
C ASP A 733 13.55 -0.62 -21.99
N ALA A 734 14.27 0.42 -21.56
CA ALA A 734 15.64 0.22 -21.12
C ALA A 734 15.67 -0.64 -19.86
N LEU A 735 14.83 -0.34 -18.88
CA LEU A 735 14.83 -1.12 -17.66
C LEU A 735 14.36 -2.55 -17.90
N ALA A 736 13.38 -2.74 -18.79
CA ALA A 736 12.95 -4.10 -19.10
C ALA A 736 14.11 -4.93 -19.64
N ALA A 737 14.91 -4.35 -20.53
CA ALA A 737 16.06 -5.06 -21.06
C ALA A 737 17.10 -5.33 -19.97
N LEU A 738 17.42 -4.31 -19.17
CA LEU A 738 18.41 -4.51 -18.11
C LEU A 738 17.95 -5.59 -17.15
N SER A 739 16.67 -5.53 -16.75
CA SER A 739 16.13 -6.53 -15.84
CA SER A 739 16.13 -6.53 -15.84
C SER A 739 16.28 -7.93 -16.42
N ALA A 740 16.02 -8.08 -17.73
CA ALA A 740 16.12 -9.37 -18.40
C ALA A 740 17.57 -9.87 -18.41
N ALA A 741 18.52 -8.98 -18.65
CA ALA A 741 19.93 -9.36 -18.63
C ALA A 741 20.35 -9.88 -17.27
N VAL A 742 19.85 -9.26 -16.20
CA VAL A 742 20.14 -9.73 -14.85
C VAL A 742 19.44 -11.05 -14.58
N ALA A 743 18.16 -11.13 -14.93
CA ALA A 743 17.38 -12.33 -14.63
C ALA A 743 17.94 -13.57 -15.31
N ALA A 744 18.37 -13.45 -16.57
CA ALA A 744 18.88 -14.59 -17.32
C ALA A 744 20.41 -14.71 -17.26
N GLN A 745 21.07 -13.84 -16.49
CA GLN A 745 22.52 -13.87 -16.35
C GLN A 745 23.19 -13.86 -17.71
N LEU A 746 22.73 -12.94 -18.57
CA LEU A 746 23.24 -12.90 -19.94
C LEU A 746 24.65 -12.34 -20.01
N PRO A 747 25.40 -12.68 -21.07
CA PRO A 747 26.77 -12.15 -21.20
C PRO A 747 26.86 -10.64 -21.10
N CYS A 748 25.88 -9.91 -21.66
CA CYS A 748 25.94 -8.45 -21.66
C CYS A 748 25.66 -7.83 -20.28
N ARG A 749 25.27 -8.62 -19.29
CA ARG A 749 24.75 -8.05 -18.04
C ARG A 749 25.72 -7.04 -17.41
N ASP A 750 26.97 -7.46 -17.18
CA ASP A 750 27.89 -6.59 -16.44
C ASP A 750 28.13 -5.28 -17.18
N ALA A 751 28.29 -5.34 -18.49
CA ALA A 751 28.47 -4.12 -19.27
C ALA A 751 27.26 -3.20 -19.14
N LEU A 752 26.05 -3.76 -19.26
CA LEU A 752 24.87 -2.88 -19.21
C LEU A 752 24.71 -2.28 -17.81
N MET A 753 24.92 -3.09 -16.77
CA MET A 753 24.80 -2.57 -15.41
C MET A 753 25.81 -1.47 -15.15
N GLN A 754 27.03 -1.60 -15.67
CA GLN A 754 28.03 -0.55 -15.51
C GLN A 754 27.64 0.70 -16.31
N GLU A 755 27.15 0.52 -17.54
CA GLU A 755 26.70 1.68 -18.32
C GLU A 755 25.61 2.45 -17.58
N TYR A 756 24.68 1.73 -16.99
CA TYR A 756 23.58 2.40 -16.29
C TYR A 756 24.11 3.20 -15.10
N ASP A 757 24.98 2.56 -14.29
CA ASP A 757 25.61 3.25 -13.17
C ASP A 757 26.34 4.50 -13.64
N ASP A 758 27.17 4.38 -14.66
CA ASP A 758 27.92 5.54 -15.11
C ASP A 758 27.02 6.67 -15.59
N LYS A 759 25.87 6.34 -16.17
CA LYS A 759 24.98 7.37 -16.68
C LYS A 759 24.15 8.00 -15.55
N TRP A 760 23.73 7.18 -14.59
CA TRP A 760 22.65 7.59 -13.71
C TRP A 760 23.02 7.73 -12.23
N HIS A 761 24.31 7.57 -11.87
CA HIS A 761 24.67 7.45 -10.44
C HIS A 761 24.30 8.69 -9.61
N GLN A 762 24.15 9.86 -10.24
CA GLN A 762 23.77 11.07 -9.53
CA GLN A 762 23.77 11.05 -9.50
C GLN A 762 22.28 11.19 -9.28
N ASN A 763 21.47 10.26 -9.83
CA ASN A 763 20.01 10.34 -9.73
C ASN A 763 19.54 9.19 -8.85
N GLY A 764 19.22 9.48 -7.59
CA GLY A 764 18.89 8.41 -6.66
C GLY A 764 17.66 7.61 -7.06
N LEU A 765 16.62 8.28 -7.55
CA LEU A 765 15.41 7.53 -7.92
C LEU A 765 15.69 6.54 -9.03
N VAL A 766 16.54 6.92 -9.98
CA VAL A 766 16.89 5.99 -11.05
C VAL A 766 17.79 4.88 -10.52
N MET A 767 18.73 5.22 -9.64
CA MET A 767 19.58 4.17 -9.10
C MET A 767 18.82 3.20 -8.22
N ASP A 768 17.70 3.61 -7.63
CA ASP A 768 16.91 2.65 -6.86
C ASP A 768 16.52 1.45 -7.71
N LYS A 769 16.24 1.66 -9.01
CA LYS A 769 15.87 0.56 -9.89
CA LYS A 769 15.87 0.53 -9.85
CA LYS A 769 15.86 0.55 -9.88
C LYS A 769 17.03 -0.42 -10.04
N TRP A 770 18.23 0.13 -10.11
CA TRP A 770 19.47 -0.64 -10.25
C TRP A 770 19.79 -1.39 -8.98
N PHE A 771 19.61 -0.74 -7.82
CA PHE A 771 19.81 -1.44 -6.54
C PHE A 771 18.83 -2.60 -6.41
N ILE A 772 17.57 -2.41 -6.84
CA ILE A 772 16.60 -3.51 -6.79
C ILE A 772 17.08 -4.68 -7.65
N LEU A 773 17.57 -4.39 -8.87
CA LEU A 773 18.06 -5.47 -9.72
C LEU A 773 19.24 -6.18 -9.09
N GLN A 774 20.15 -5.43 -8.47
CA GLN A 774 21.28 -6.07 -7.80
C GLN A 774 20.79 -6.97 -6.67
N ALA A 775 19.83 -6.47 -5.90
CA ALA A 775 19.38 -7.16 -4.70
C ALA A 775 18.59 -8.41 -5.03
N THR A 776 17.89 -8.43 -6.19
CA THR A 776 17.05 -9.54 -6.59
C THR A 776 17.73 -10.41 -7.64
N SER A 777 19.01 -10.24 -7.84
CA SER A 777 19.73 -11.01 -8.84
C SER A 777 19.80 -12.49 -8.49
N PRO A 778 19.72 -13.38 -9.49
CA PRO A 778 19.86 -14.82 -9.25
C PRO A 778 21.31 -15.26 -9.12
N ALA A 779 22.24 -14.34 -9.28
CA ALA A 779 23.65 -14.71 -9.26
C ALA A 779 24.04 -15.33 -7.93
N ALA A 780 24.96 -16.29 -7.98
CA ALA A 780 25.39 -16.99 -6.76
C ALA A 780 26.00 -16.04 -5.74
N ASN A 781 26.62 -14.96 -6.19
CA ASN A 781 27.35 -14.06 -5.30
C ASN A 781 26.54 -12.82 -4.94
N VAL A 782 25.20 -12.91 -5.01
CA VAL A 782 24.36 -11.73 -4.80
C VAL A 782 24.62 -11.09 -3.45
N LEU A 783 24.78 -11.88 -2.37
CA LEU A 783 24.95 -11.23 -1.06
C LEU A 783 26.27 -10.45 -1.00
N GLU A 784 27.35 -11.05 -1.50
CA GLU A 784 28.62 -10.34 -1.57
C GLU A 784 28.46 -9.03 -2.32
N THR A 785 27.71 -9.05 -3.44
CA THR A 785 27.51 -7.84 -4.22
C THR A 785 26.71 -6.81 -3.43
N VAL A 786 25.61 -7.24 -2.81
CA VAL A 786 24.77 -6.36 -2.01
C VAL A 786 25.57 -5.75 -0.86
N ARG A 787 26.34 -6.56 -0.13
CA ARG A 787 27.19 -6.01 0.93
CA ARG A 787 27.15 -5.99 0.94
C ARG A 787 28.13 -4.95 0.38
N GLY A 788 28.78 -5.24 -0.75
CA GLY A 788 29.70 -4.26 -1.31
C GLY A 788 29.01 -2.97 -1.71
N LEU A 789 27.74 -3.06 -2.12
CA LEU A 789 27.00 -1.87 -2.52
C LEU A 789 26.62 -0.96 -1.35
N LEU A 790 26.79 -1.40 -0.10
CA LEU A 790 26.66 -0.48 1.01
C LEU A 790 27.65 0.67 0.91
N GLN A 791 28.72 0.48 0.13
CA GLN A 791 29.73 1.52 -0.08
C GLN A 791 29.60 2.20 -1.42
N HIS A 792 28.53 1.91 -2.16
CA HIS A 792 28.37 2.47 -3.49
C HIS A 792 28.11 3.97 -3.41
N ARG A 793 28.62 4.70 -4.41
CA ARG A 793 28.52 6.16 -4.44
C ARG A 793 27.08 6.65 -4.40
N SER A 794 26.12 5.84 -4.81
CA SER A 794 24.71 6.26 -4.88
C SER A 794 23.92 5.77 -3.69
N PHE A 795 24.55 5.01 -2.79
CA PHE A 795 23.85 4.42 -1.65
C PHE A 795 24.14 5.22 -0.39
N THR A 796 23.13 5.34 0.50
CA THR A 796 23.39 5.84 1.85
C THR A 796 22.33 5.34 2.81
N MET A 797 22.77 4.97 4.02
CA MET A 797 21.87 4.57 5.10
C MET A 797 21.02 5.73 5.60
N SER A 798 21.34 6.95 5.19
CA SER A 798 20.55 8.11 5.62
C SER A 798 19.28 8.28 4.80
N ASN A 799 19.09 7.49 3.75
CA ASN A 799 17.98 7.72 2.82
C ASN A 799 17.07 6.49 2.79
N PRO A 800 15.83 6.62 3.26
CA PRO A 800 14.94 5.44 3.26
C PRO A 800 14.75 4.79 1.91
N ASN A 801 14.70 5.58 0.82
CA ASN A 801 14.52 4.97 -0.49
C ASN A 801 15.68 4.07 -0.83
N ARG A 802 16.92 4.51 -0.56
CA ARG A 802 18.08 3.69 -0.87
C ARG A 802 18.05 2.43 -0.03
N ILE A 803 17.71 2.58 1.25
CA ILE A 803 17.65 1.41 2.13
C ILE A 803 16.65 0.39 1.58
N ARG A 804 15.46 0.85 1.21
CA ARG A 804 14.42 -0.07 0.74
CA ARG A 804 14.44 -0.10 0.76
C ARG A 804 14.82 -0.75 -0.56
N SER A 805 15.51 -0.03 -1.42
CA SER A 805 15.83 -0.52 -2.76
CA SER A 805 15.81 -0.55 -2.75
C SER A 805 16.96 -1.56 -2.74
N LEU A 806 17.89 -1.45 -1.80
CA LEU A 806 18.98 -2.40 -1.71
C LEU A 806 18.72 -3.48 -0.65
N ILE A 807 18.53 -3.05 0.61
CA ILE A 807 18.43 -4.00 1.71
C ILE A 807 17.03 -4.60 1.75
N GLY A 808 16.02 -3.75 1.64
CA GLY A 808 14.66 -4.26 1.70
C GLY A 808 14.35 -5.18 0.54
N ALA A 809 14.80 -4.84 -0.67
CA ALA A 809 14.55 -5.72 -1.81
C ALA A 809 15.26 -7.06 -1.64
N PHE A 810 16.46 -7.04 -1.08
CA PHE A 810 17.16 -8.31 -0.85
C PHE A 810 16.36 -9.20 0.08
N ALA A 811 15.98 -8.68 1.24
CA ALA A 811 15.35 -9.52 2.25
C ALA A 811 13.93 -9.91 1.88
N GLY A 812 13.20 -9.01 1.25
CA GLY A 812 11.80 -9.22 0.93
C GLY A 812 11.48 -9.78 -0.45
N SER A 813 12.32 -9.45 -1.43
CA SER A 813 12.06 -9.84 -2.81
C SER A 813 13.06 -10.83 -3.36
N ASN A 814 14.09 -11.21 -2.59
CA ASN A 814 14.99 -12.29 -2.96
C ASN A 814 14.98 -13.33 -1.85
N PRO A 815 13.83 -13.93 -1.54
CA PRO A 815 13.82 -14.89 -0.43
C PRO A 815 14.74 -16.08 -0.66
N ALA A 816 15.04 -16.45 -1.91
CA ALA A 816 15.97 -17.56 -2.11
C ALA A 816 17.35 -17.23 -1.55
N ALA A 817 17.82 -16.00 -1.74
CA ALA A 817 19.12 -15.62 -1.20
C ALA A 817 19.02 -15.22 0.27
N PHE A 818 17.95 -14.53 0.65
CA PHE A 818 17.77 -14.16 2.06
C PHE A 818 17.73 -15.40 2.92
N HIS A 819 17.13 -16.47 2.41
CA HIS A 819 17.00 -17.73 3.12
C HIS A 819 18.07 -18.74 2.71
N ALA A 820 19.22 -18.28 2.26
CA ALA A 820 20.33 -19.16 2.01
C ALA A 820 20.55 -20.09 3.20
N GLU A 821 20.81 -21.37 2.92
CA GLU A 821 20.88 -22.39 3.96
CA GLU A 821 20.81 -22.32 4.02
C GLU A 821 21.94 -22.08 5.01
N ASP A 822 23.00 -21.35 4.63
CA ASP A 822 24.07 -21.04 5.59
C ASP A 822 23.69 -19.93 6.55
N GLY A 823 22.51 -19.34 6.40
CA GLY A 823 22.06 -18.30 7.32
C GLY A 823 22.66 -16.94 7.09
N SER A 824 23.42 -16.77 6.00
CA SER A 824 24.11 -15.52 5.75
C SER A 824 23.16 -14.36 5.54
N GLY A 825 21.96 -14.61 4.98
CA GLY A 825 21.03 -13.52 4.76
C GLY A 825 20.47 -12.99 6.07
N TYR A 826 20.25 -13.89 7.02
CA TYR A 826 19.72 -13.45 8.30
C TYR A 826 20.76 -12.60 9.02
N LEU A 827 22.03 -13.03 8.97
CA LEU A 827 23.08 -12.28 9.66
C LEU A 827 23.25 -10.90 9.06
N PHE A 828 23.16 -10.80 7.72
CA PHE A 828 23.24 -9.51 7.07
C PHE A 828 22.12 -8.58 7.56
N LEU A 829 20.89 -9.09 7.61
CA LEU A 829 19.77 -8.27 8.00
C LEU A 829 19.90 -7.86 9.47
N VAL A 830 20.38 -8.76 10.33
CA VAL A 830 20.63 -8.36 11.71
C VAL A 830 21.59 -7.17 11.78
N GLU A 831 22.69 -7.22 11.02
N GLU A 831 22.67 -7.20 10.99
CA GLU A 831 23.62 -6.09 10.99
CA GLU A 831 23.61 -6.08 11.02
C GLU A 831 22.88 -4.81 10.62
C GLU A 831 22.94 -4.80 10.58
N MET A 832 22.11 -4.86 9.54
CA MET A 832 21.44 -3.65 9.06
C MET A 832 20.44 -3.14 10.07
N LEU A 833 19.70 -4.06 10.72
CA LEU A 833 18.68 -3.66 11.68
C LEU A 833 19.28 -3.14 12.97
N THR A 834 20.49 -3.59 13.31
CA THR A 834 21.16 -3.06 14.49
C THR A 834 21.45 -1.57 14.29
N ASP A 835 21.84 -1.19 13.07
CA ASP A 835 21.98 0.23 12.73
C ASP A 835 20.63 0.93 12.74
N LEU A 836 19.67 0.39 11.99
CA LEU A 836 18.44 1.12 11.74
C LEU A 836 17.55 1.21 12.98
N ASN A 837 17.63 0.23 13.89
CA ASN A 837 16.90 0.34 15.12
C ASN A 837 17.15 1.67 15.82
N SER A 838 18.40 2.15 15.79
CA SER A 838 18.76 3.42 16.41
C SER A 838 18.53 4.59 15.48
N ARG A 839 18.83 4.42 14.20
CA ARG A 839 18.76 5.53 13.24
C ARG A 839 17.33 5.89 12.84
N ASN A 840 16.53 4.88 12.49
CA ASN A 840 15.27 5.12 11.82
C ASN A 840 14.39 3.90 12.07
N PRO A 841 13.78 3.83 13.26
CA PRO A 841 13.04 2.62 13.61
C PRO A 841 11.88 2.30 12.70
N GLN A 842 11.23 3.30 12.10
CA GLN A 842 10.13 2.98 11.19
C GLN A 842 10.63 2.18 10.00
N VAL A 843 11.78 2.57 9.42
CA VAL A 843 12.33 1.82 8.30
C VAL A 843 12.81 0.46 8.78
N ALA A 844 13.39 0.40 9.98
CA ALA A 844 13.82 -0.88 10.55
C ALA A 844 12.64 -1.86 10.66
N SER A 845 11.48 -1.35 11.10
CA SER A 845 10.33 -2.22 11.30
C SER A 845 9.77 -2.73 9.98
N ARG A 846 9.83 -1.93 8.91
CA ARG A 846 9.46 -2.48 7.61
C ARG A 846 10.43 -3.58 7.19
N LEU A 847 11.73 -3.40 7.46
CA LEU A 847 12.75 -4.34 7.01
C LEU A 847 12.76 -5.63 7.80
N ILE A 848 12.26 -5.64 9.04
CA ILE A 848 12.32 -6.88 9.83
C ILE A 848 11.25 -7.88 9.40
N GLU A 849 10.26 -7.46 8.62
CA GLU A 849 9.13 -8.33 8.34
C GLU A 849 9.53 -9.70 7.81
N PRO A 850 10.51 -9.84 6.89
CA PRO A 850 10.85 -11.20 6.43
C PRO A 850 11.25 -12.17 7.53
N LEU A 851 11.84 -11.69 8.63
CA LEU A 851 12.21 -12.59 9.73
C LEU A 851 11.02 -13.03 10.55
N ILE A 852 9.96 -12.22 10.61
CA ILE A 852 8.75 -12.53 11.40
C ILE A 852 8.01 -13.71 10.82
N ARG A 853 8.32 -14.11 9.58
CA ARG A 853 7.63 -15.20 8.91
C ARG A 853 8.26 -16.56 9.15
N LEU A 854 9.10 -16.68 10.18
N LEU A 854 9.10 -16.68 10.19
CA LEU A 854 9.96 -17.86 10.33
CA LEU A 854 9.96 -17.86 10.33
C LEU A 854 9.17 -19.16 10.41
C LEU A 854 9.18 -19.16 10.43
N LYS A 855 7.95 -19.16 10.98
CA LYS A 855 7.24 -20.43 11.16
C LYS A 855 6.73 -21.02 9.85
N ARG A 856 6.83 -20.28 8.76
CA ARG A 856 6.50 -20.81 7.44
C ARG A 856 7.63 -21.61 6.82
N TYR A 857 8.80 -21.67 7.46
CA TYR A 857 9.98 -22.30 6.88
C TYR A 857 10.34 -23.58 7.65
N ASP A 858 11.30 -24.32 7.10
CA ASP A 858 11.70 -25.58 7.67
C ASP A 858 12.42 -25.35 9.00
N ALA A 859 12.59 -26.44 9.75
CA ALA A 859 13.07 -26.32 11.12
C ALA A 859 14.45 -25.69 11.21
N LYS A 860 15.37 -26.07 10.32
CA LYS A 860 16.72 -25.53 10.38
CA LYS A 860 16.72 -25.53 10.38
C LYS A 860 16.72 -24.02 10.14
N ARG A 861 15.92 -23.55 9.19
CA ARG A 861 15.81 -22.11 8.99
C ARG A 861 15.14 -21.44 10.17
N GLN A 862 14.09 -22.04 10.74
CA GLN A 862 13.46 -21.44 11.92
C GLN A 862 14.47 -21.21 13.01
N GLU A 863 15.34 -22.19 13.23
CA GLU A 863 16.33 -22.07 14.30
C GLU A 863 17.24 -20.88 14.08
N LYS A 864 17.70 -20.68 12.84
CA LYS A 864 18.57 -19.55 12.55
CA LYS A 864 18.57 -19.55 12.55
C LYS A 864 17.83 -18.23 12.63
N MET A 865 16.56 -18.19 12.20
CA MET A 865 15.79 -16.96 12.25
CA MET A 865 15.81 -16.94 12.27
C MET A 865 15.45 -16.59 13.70
N ARG A 866 15.13 -17.59 14.52
CA ARG A 866 14.91 -17.32 15.95
C ARG A 866 16.17 -16.75 16.59
N ALA A 867 17.33 -17.31 16.27
CA ALA A 867 18.57 -16.80 16.84
C ALA A 867 18.81 -15.36 16.43
N ALA A 868 18.50 -15.03 15.17
CA ALA A 868 18.63 -13.66 14.71
C ALA A 868 17.69 -12.75 15.49
N LEU A 869 16.44 -13.17 15.66
CA LEU A 869 15.48 -12.34 16.38
C LEU A 869 15.86 -12.19 17.86
N GLU A 870 16.41 -13.24 18.46
CA GLU A 870 16.86 -13.14 19.86
CA GLU A 870 16.87 -13.15 19.85
C GLU A 870 18.04 -12.19 19.99
N GLN A 871 18.93 -12.15 18.99
CA GLN A 871 19.98 -11.14 19.03
CA GLN A 871 19.98 -11.13 18.98
CA GLN A 871 19.98 -11.14 19.01
C GLN A 871 19.38 -9.73 19.00
N LEU A 872 18.40 -9.51 18.14
CA LEU A 872 17.79 -8.19 18.06
C LEU A 872 17.03 -7.87 19.35
N LYS A 873 16.37 -8.87 19.93
CA LYS A 873 15.65 -8.68 21.19
C LYS A 873 16.56 -8.14 22.28
N GLY A 874 17.84 -8.49 22.23
CA GLY A 874 18.79 -8.07 23.25
C GLY A 874 19.47 -6.76 22.99
N LEU A 875 19.10 -6.04 21.93
CA LEU A 875 19.75 -4.77 21.65
C LEU A 875 19.52 -3.77 22.77
N GLU A 876 20.57 -3.02 23.06
CA GLU A 876 20.42 -1.82 23.85
C GLU A 876 19.50 -0.87 23.10
N ASN A 877 18.60 -0.24 23.84
CA ASN A 877 17.72 0.78 23.28
C ASN A 877 16.91 0.20 22.12
N LEU A 878 16.37 -0.99 22.34
CA LEU A 878 15.47 -1.56 21.35
C LEU A 878 14.24 -0.68 21.17
N SER A 879 13.94 -0.32 19.92
CA SER A 879 12.78 0.50 19.65
C SER A 879 11.49 -0.29 19.90
N GLY A 880 10.45 0.44 20.28
CA GLY A 880 9.13 -0.19 20.43
C GLY A 880 8.64 -0.75 19.11
N ASP A 881 8.99 -0.10 18.01
CA ASP A 881 8.63 -0.58 16.67
C ASP A 881 9.08 -2.02 16.49
N LEU A 882 10.37 -2.30 16.73
CA LEU A 882 10.88 -3.67 16.58
C LEU A 882 10.43 -4.56 17.71
N TYR A 883 10.37 -4.04 18.94
CA TYR A 883 9.96 -4.88 20.08
C TYR A 883 8.63 -5.57 19.81
N GLU A 884 7.67 -4.83 19.28
CA GLU A 884 6.33 -5.39 19.07
C GLU A 884 6.41 -6.58 18.12
N LYS A 885 7.15 -6.44 17.02
CA LYS A 885 7.22 -7.51 16.04
C LYS A 885 8.06 -8.70 16.53
N ILE A 886 9.19 -8.42 17.17
CA ILE A 886 10.05 -9.48 17.70
C ILE A 886 9.29 -10.32 18.72
N THR A 887 8.58 -9.65 19.61
CA THR A 887 7.84 -10.36 20.67
C THR A 887 6.81 -11.30 20.06
N LYS A 888 6.06 -10.82 19.05
CA LYS A 888 5.08 -11.71 18.42
C LYS A 888 5.76 -12.86 17.69
N ALA A 889 6.87 -12.59 16.99
CA ALA A 889 7.55 -13.63 16.24
C ALA A 889 8.16 -14.71 17.11
N LEU A 890 8.64 -14.36 18.31
CA LEU A 890 9.28 -15.33 19.19
C LEU A 890 8.30 -16.05 20.09
N ALA A 891 7.04 -15.65 20.10
CA ALA A 891 6.03 -16.33 20.90
C ALA A 891 5.75 -17.75 20.41
ZN ZN B . -3.68 7.03 2.91
C1 7ML C . 0.72 5.93 0.05
C10 7ML C . 0.79 5.93 3.16
C11 7ML C . 1.35 5.78 4.44
C12 7ML C . 1.77 4.53 4.86
C13 7ML C . 0.25 7.33 2.78
C14 7ML C . 1.47 6.99 5.34
C15 7ML C . -0.98 7.79 3.52
C16 7ML C . 0.11 7.42 5.90
C17 7ML C . -0.68 8.34 4.95
C2 7ML C . 0.24 6.08 -1.24
C3 7ML C . -0.77 5.27 -1.70
C4 7ML C . -1.27 4.27 -0.89
C5 7ML C . -0.80 4.13 0.40
C6 7ML C . 0.20 4.97 0.90
C7 7ML C . 0.70 4.83 2.30
C8 7ML C . 1.65 3.43 4.03
C9 7ML C . 1.14 3.58 2.74
N1 7ML C . -1.96 8.73 5.65
O1 7ML C . -1.59 8.84 2.78
O2 7ML C . -1.93 6.78 3.71
H1 7ML C . 1.53 6.57 0.40
H8 7ML C . 2.21 4.38 5.85
H10 7ML C . 1.05 8.05 2.85
H9 7ML C . 0.03 7.34 1.71
H12 7ML C . 2.17 6.76 6.13
H11 7ML C . 1.94 7.83 4.83
H13 7ML C . 0.23 7.91 6.86
H14 7ML C . -0.51 6.56 6.13
H15 7ML C . -0.11 9.27 4.84
H2 7ML C . 0.66 6.85 -1.88
H3 7ML C . -1.16 5.40 -2.71
H4 7ML C . -2.04 3.60 -1.27
H5 7ML C . -1.20 3.34 1.03
H6 7ML C . 1.96 2.45 4.37
H7 7ML C . 1.07 2.72 2.07
H19 7ML C . -2.41 7.94 6.10
H20 7ML C . -2.61 9.11 4.97
H16 7ML C . -1.02 9.66 2.78
H17 7ML C . -2.26 6.45 2.84
H18 7ML C . -1.77 9.44 6.36
NA NA D . -10.85 2.22 -17.38
NA NA E . 27.58 6.00 -0.35
NA NA F . -24.98 -9.71 -11.55
NA NA G . 4.44 4.90 20.02
NA NA H . -16.56 -30.02 -10.84
NA NA I . 7.32 5.65 17.57
NA NA J . -7.30 33.06 28.51
NA NA K . -27.22 -16.77 2.84
NA NA L . -19.22 -32.91 -7.73
C1 MLI M . 0.21 -0.16 3.06
C2 MLI M . 0.18 -0.61 1.63
C3 MLI M . 1.61 -0.53 3.41
O6 MLI M . 0.42 -1.83 1.49
O7 MLI M . -0.03 0.22 0.69
O8 MLI M . 1.88 -1.65 3.79
O9 MLI M . 2.49 0.28 3.23
H11 MLI M . 0.04 0.91 3.15
H12 MLI M . -0.52 -0.71 3.66
C1 MLI N . 1.49 -28.65 -0.57
C2 MLI N . 1.99 -27.64 0.35
C3 MLI N . 1.40 -27.96 -1.87
O6 MLI N . 1.17 -27.05 1.03
O7 MLI N . 3.19 -27.40 0.44
O8 MLI N . 0.79 -26.85 -1.83
O9 MLI N . 1.98 -28.50 -2.86
H11 MLI N . 0.50 -29.01 -0.25
H12 MLI N . 2.18 -29.50 -0.62
C1 MLI O . -11.31 -19.03 -12.38
C2 MLI O . -10.34 -19.28 -11.27
C3 MLI O . -12.62 -18.75 -11.75
O6 MLI O . -10.57 -18.79 -10.14
O7 MLI O . -9.35 -19.96 -11.50
O8 MLI O . -12.82 -19.06 -10.60
O9 MLI O . -13.49 -18.18 -12.37
H11 MLI O . -11.39 -19.91 -13.03
H12 MLI O . -10.98 -18.18 -12.99
C1 MLI P . -25.73 -0.15 -10.80
C2 MLI P . -25.80 -1.66 -10.78
C3 MLI P . -26.14 0.43 -9.48
O6 MLI P . -25.02 -2.28 -10.02
O7 MLI P . -26.65 -2.21 -11.52
O8 MLI P . -26.60 -0.32 -8.58
O9 MLI P . -26.01 1.66 -9.30
H11 MLI P . -24.70 0.16 -11.03
H12 MLI P . -26.39 0.24 -11.59
C1 MLI Q . -2.09 3.02 19.71
C2 MLI Q . -1.61 4.41 19.54
C3 MLI Q . -3.50 3.16 19.25
O6 MLI Q . -0.41 4.66 19.70
O7 MLI Q . -2.45 5.22 19.24
O8 MLI Q . -4.18 3.96 19.90
O9 MLI Q . -3.93 2.50 18.25
H11 MLI Q . -2.04 2.71 20.75
H12 MLI Q . -1.54 2.32 19.08
S DMS R . -19.21 -8.65 -8.52
O DMS R . -20.36 -7.71 -8.72
C1 DMS R . -18.68 -9.38 -10.10
C2 DMS R . -17.77 -7.64 -8.05
H11 DMS R . -19.46 -10.01 -10.47
H12 DMS R . -17.81 -9.97 -9.93
H13 DMS R . -18.48 -8.62 -10.79
H21 DMS R . -17.95 -7.20 -7.10
H22 DMS R . -17.61 -6.90 -8.77
H23 DMS R . -16.92 -8.26 -7.98
S DMS S . -1.52 -21.98 2.81
O DMS S . -0.39 -21.00 2.64
C1 DMS S . -1.53 -23.17 1.44
C2 DMS S . -1.23 -23.03 4.26
H11 DMS S . -1.74 -22.67 0.53
H12 DMS S . -2.27 -23.91 1.61
H13 DMS S . -0.58 -23.64 1.38
H21 DMS S . -0.28 -23.51 4.16
H22 DMS S . -1.23 -22.44 5.13
H23 DMS S . -1.98 -23.78 4.31
S DMS T . -26.06 -6.40 -6.34
O DMS T . -27.30 -6.67 -7.13
C1 DMS T . -26.15 -4.73 -5.64
C2 DMS T . -25.89 -7.49 -4.89
H11 DMS T . -26.15 -4.02 -6.42
H12 DMS T . -25.32 -4.56 -5.01
H13 DMS T . -27.05 -4.63 -5.09
H21 DMS T . -26.75 -7.41 -4.29
H22 DMS T . -25.78 -8.49 -5.21
H23 DMS T . -25.04 -7.19 -4.33
S DMS U . 16.93 29.38 16.69
O DMS U . 16.09 29.98 15.62
C1 DMS U . 18.64 29.49 16.11
C2 DMS U . 17.02 30.55 18.09
H11 DMS U . 18.87 30.50 15.87
H12 DMS U . 18.77 28.88 15.25
H13 DMS U . 19.30 29.17 16.88
H21 DMS U . 17.70 30.17 18.82
H22 DMS U . 17.38 31.49 17.74
H23 DMS U . 16.07 30.67 18.51
S DMS V . -14.45 12.47 29.88
O DMS V . -13.04 12.27 29.42
C1 DMS V . -15.30 13.72 28.88
C2 DMS V . -15.34 10.95 29.48
H11 DMS V . -15.25 13.45 27.86
H12 DMS V . -14.84 14.66 29.03
H13 DMS V . -16.32 13.77 29.19
H21 DMS V . -14.95 10.15 30.04
H22 DMS V . -16.37 11.08 29.71
H23 DMS V . -15.24 10.74 28.45
CL CL W . 12.47 17.28 -5.42
CL CL X . 6.94 -13.70 -16.39
CL CL Y . 23.87 -21.28 1.61
CL CL Z . 21.11 26.11 12.22
C1 GOL AA . -4.47 9.46 -17.28
O1 GOL AA . -4.48 8.09 -16.93
C2 GOL AA . -3.89 9.86 -18.63
O2 GOL AA . -4.98 10.27 -19.42
C3 GOL AA . -3.06 8.80 -19.34
O3 GOL AA . -3.03 9.10 -20.69
H11 GOL AA . -3.93 10.01 -16.51
H12 GOL AA . -5.50 9.83 -17.25
HO1 GOL AA . -4.82 7.99 -16.02
H2 GOL AA . -3.24 10.72 -18.47
HO2 GOL AA . -4.65 10.63 -20.27
H31 GOL AA . -3.50 7.82 -19.18
H32 GOL AA . -2.04 8.80 -18.95
HO3 GOL AA . -2.66 9.99 -20.83
C1 GOL BA . 13.16 -0.83 -28.96
O1 GOL BA . 13.30 -2.10 -28.36
C2 GOL BA . 12.58 0.10 -27.93
O2 GOL BA . 11.30 -0.37 -27.54
C3 GOL BA . 12.44 1.56 -28.38
O3 GOL BA . 12.25 2.15 -27.13
H11 GOL BA . 12.50 -0.89 -29.83
H12 GOL BA . 14.14 -0.45 -29.30
HO1 GOL BA . 13.62 -2.74 -29.02
H2 GOL BA . 13.23 0.08 -27.06
HO2 GOL BA . 10.96 0.18 -26.80
H31 GOL BA . 11.59 1.71 -29.03
H32 GOL BA . 13.35 1.92 -28.86
HO3 GOL BA . 11.77 3.00 -27.24
C1 GOL CA . 18.60 4.34 -19.89
O1 GOL CA . 19.19 5.59 -20.05
C2 GOL CA . 19.65 3.27 -20.05
O2 GOL CA . 20.76 3.64 -19.29
C3 GOL CA . 20.07 3.19 -21.51
O3 GOL CA . 21.09 4.14 -21.68
H11 GOL CA . 17.82 4.20 -20.63
H12 GOL CA . 18.15 4.26 -18.90
HO1 GOL CA . 18.50 6.28 -20.01
H2 GOL CA . 19.27 2.31 -19.72
HO2 GOL CA . 21.48 2.97 -19.40
H31 GOL CA . 19.22 3.42 -22.16
H32 GOL CA . 20.45 2.19 -21.74
HO3 GOL CA . 21.32 4.53 -20.81
C1 GOL DA . 9.82 22.34 38.50
O1 GOL DA . 10.89 21.66 37.90
C2 GOL DA . 8.55 21.56 38.20
O2 GOL DA . 7.43 22.20 38.78
C3 GOL DA . 8.74 20.13 38.67
O3 GOL DA . 7.64 19.34 38.31
H11 GOL DA . 9.73 23.34 38.09
H12 GOL DA . 9.96 22.41 39.57
HO1 GOL DA . 11.72 22.17 38.02
H2 GOL DA . 8.41 21.54 37.12
HO2 GOL DA . 6.62 21.71 38.56
H31 GOL DA . 8.86 20.11 39.75
H32 GOL DA . 9.64 19.71 38.22
HO3 GOL DA . 7.03 19.87 37.76
C1 GOL EA . 11.41 23.09 32.18
O1 GOL EA . 12.13 22.29 33.11
C2 GOL EA . 11.36 24.50 32.68
O2 GOL EA . 11.93 24.42 33.98
C3 GOL EA . 9.91 25.00 32.66
O3 GOL EA . 9.72 26.24 33.31
H11 GOL EA . 10.41 22.69 32.06
H12 GOL EA . 11.91 23.05 31.20
HO1 GOL EA . 12.12 21.35 32.81
H2 GOL EA . 11.97 25.14 32.03
HO2 GOL EA . 11.92 25.31 34.40
H31 GOL EA . 9.28 24.25 33.15
H32 GOL EA . 9.57 25.08 31.63
HO3 GOL EA . 9.67 26.95 32.63
C1 GOL FA . 16.11 17.54 23.47
O1 GOL FA . 15.02 16.94 24.13
C2 GOL FA . 15.61 18.65 22.52
O2 GOL FA . 14.98 18.10 21.38
C3 GOL FA . 16.89 19.39 22.14
O3 GOL FA . 16.63 20.70 21.84
H11 GOL FA . 16.64 16.77 22.89
H12 GOL FA . 16.80 17.95 24.19
HO1 GOL FA . 15.33 16.20 24.68
H2 GOL FA . 14.95 19.31 23.06
HO2 GOL FA . 14.76 18.83 20.76
H31 GOL FA . 17.36 18.90 21.28
H32 GOL FA . 17.61 19.35 22.96
HO3 GOL FA . 16.21 20.75 20.95
C1 GOL GA . -0.48 36.52 36.05
O1 GOL GA . -0.38 36.78 37.44
C2 GOL GA . 0.15 37.66 35.28
O2 GOL GA . -0.18 37.57 33.91
C3 GOL GA . 1.66 37.64 35.42
O3 GOL GA . 2.09 38.97 35.54
H11 GOL GA . -1.54 36.42 35.78
H12 GOL GA . 0.02 35.58 35.81
HO1 GOL GA . -0.84 36.08 37.94
H2 GOL GA . -0.22 38.60 35.69
HO2 GOL GA . 0.22 38.33 33.43
H31 GOL GA . 2.11 37.17 34.55
H32 GOL GA . 1.94 37.05 36.31
HO3 GOL GA . 3.07 39.01 35.45
C1 GOL HA . 13.78 19.30 -0.39
O1 GOL HA . 12.78 18.96 -1.27
C2 GOL HA . 14.79 18.19 -0.29
O2 GOL HA . 14.27 16.95 -0.13
C3 GOL HA . 15.59 18.10 -1.51
O3 GOL HA . 16.87 17.55 -1.27
H11 GOL HA . 13.35 19.51 0.58
H12 GOL HA . 14.28 20.21 -0.74
HO1 GOL HA . 12.10 19.67 -1.27
H2 GOL HA . 15.46 18.41 0.56
H31 GOL HA . 15.71 19.09 -1.94
H32 GOL HA . 15.07 17.49 -2.25
HO3 GOL HA . 16.77 16.60 -1.08
C1 GOL IA . -4.43 -17.38 20.05
O1 GOL IA . -3.12 -17.90 20.19
C2 GOL IA . -4.63 -16.29 21.08
O2 GOL IA . -6.01 -15.98 21.15
C3 GOL IA . -4.23 -16.89 22.39
O3 GOL IA . -5.41 -17.46 22.86
H11 GOL IA . -5.16 -18.17 20.20
H12 GOL IA . -4.56 -16.97 19.05
HO1 GOL IA . -3.00 -18.66 19.58
H2 GOL IA . -4.02 -15.43 20.84
HO2 GOL IA . -6.52 -16.79 21.34
H31 GOL IA . -3.86 -16.12 23.08
H32 GOL IA . -3.46 -17.65 22.26
HO3 GOL IA . -5.21 -18.26 23.39
C1 GOL JA . -15.35 -22.66 11.66
O1 GOL JA . -14.42 -23.72 11.44
C2 GOL JA . -14.65 -21.33 11.92
O2 GOL JA . -13.38 -21.27 11.28
C3 GOL JA . -15.51 -20.19 11.38
O3 GOL JA . -14.95 -19.68 10.18
H11 GOL JA . -15.99 -22.90 12.51
H12 GOL JA . -15.99 -22.57 10.77
HO1 GOL JA . -14.90 -24.57 11.35
H2 GOL JA . -14.54 -21.19 12.99
HO2 GOL JA . -13.49 -21.37 10.32
H31 GOL JA . -15.58 -19.40 12.13
H32 GOL JA . -16.52 -20.56 11.18
HO3 GOL JA . -15.31 -18.78 10.01
C1 GOL KA . -3.74 -0.79 -3.18
O1 GOL KA . -4.68 -1.57 -3.85
C2 GOL KA . -3.28 0.35 -4.07
O2 GOL KA . -4.36 0.79 -4.88
C3 GOL KA . -2.77 1.49 -3.22
O3 GOL KA . -2.89 2.71 -3.92
H11 GOL KA . -2.89 -1.40 -2.90
H12 GOL KA . -4.18 -0.38 -2.27
HO1 GOL KA . -4.93 -2.35 -3.30
H2 GOL KA . -2.47 -0.01 -4.71
HO2 GOL KA . -5.08 1.11 -4.30
H31 GOL KA . -1.73 1.33 -2.96
H32 GOL KA . -3.35 1.54 -2.29
HO3 GOL KA . -3.04 3.44 -3.28
C1 GOL LA . 7.72 -9.55 3.78
O1 GOL LA . 8.12 -8.24 3.55
C2 GOL LA . 8.44 -10.46 2.82
O2 GOL LA . 8.49 -11.76 3.38
C3 GOL LA . 7.65 -10.51 1.54
O3 GOL LA . 7.66 -9.23 1.01
H11 GOL LA . 6.65 -9.64 3.64
H12 GOL LA . 7.96 -9.83 4.81
HO1 GOL LA . 7.61 -7.63 4.13
H2 GOL LA . 9.45 -10.08 2.62
HO2 GOL LA . 7.57 -12.08 3.55
H31 GOL LA . 6.63 -10.84 1.74
H32 GOL LA . 8.11 -11.22 0.84
HO3 GOL LA . 6.77 -9.03 0.63
C1 GOL MA . 3.50 2.95 -0.62
O1 GOL MA . 4.47 3.89 -1.01
C2 GOL MA . 2.37 2.95 -1.62
O2 GOL MA . 2.89 2.93 -2.93
C3 GOL MA . 1.53 1.70 -1.37
O3 GOL MA . 0.66 1.48 -2.45
H11 GOL MA . 3.12 3.21 0.37
H12 GOL MA . 3.95 1.96 -0.55
HO1 GOL MA . 5.17 3.95 -0.33
H2 GOL MA . 1.76 3.83 -1.47
HO2 GOL MA . 3.43 2.13 -3.05
H31 GOL MA . 0.96 1.84 -0.45
H32 GOL MA . 2.19 0.84 -1.25
HO3 GOL MA . 0.40 0.53 -2.48
C1 GOL NA . 16.37 -14.09 -8.01
O1 GOL NA . 15.82 -14.24 -9.29
C2 GOL NA . 15.29 -14.06 -6.95
O2 GOL NA . 14.46 -12.89 -6.94
C3 GOL NA . 14.54 -15.38 -7.12
O3 GOL NA . 13.39 -15.25 -7.91
H11 GOL NA . 16.95 -13.16 -7.96
H12 GOL NA . 17.06 -14.91 -7.81
HO1 GOL NA . 16.53 -14.19 -9.96
H2 GOL NA . 15.79 -14.11 -5.98
HO2 GOL NA . 13.97 -12.83 -7.80
H31 GOL NA . 14.27 -15.76 -6.14
H32 GOL NA . 15.21 -16.11 -7.58
HO3 GOL NA . 13.63 -15.30 -8.86
#